data_3GGO
#
_entry.id   3GGO
#
_cell.length_a   82.496
_cell.length_b   92.481
_cell.length_c   164.083
_cell.angle_alpha   90.00
_cell.angle_beta   90.00
_cell.angle_gamma   90.00
#
_symmetry.space_group_name_H-M   'P 21 21 21'
#
loop_
_entity.id
_entity.type
_entity.pdbx_description
1 polymer 'Prephenate dehydrogenase'
2 non-polymer '1,4-DIHYDRONICOTINAMIDE ADENINE DINUCLEOTIDE'
3 non-polymer '3-(4-HYDROXY-PHENYL)PYRUVIC ACID'
4 water water
#
_entity_poly.entity_id   1
_entity_poly.type   'polypeptide(L)'
_entity_poly.pdbx_seq_one_letter_code
;MGSSHHHHHHSSGLVPRGSHMKNIIKILKSLSMQNVLIVGVGFMGGSFAKSLRRSGFKGKIYGYDINPESISKAVDLGII
DEGTTSIAKVEDFSPDFVMLSSPVRTFREIAKKLSYILSEDATVTDQGSVKGKLVYDLENILGKRFVGGHPIAGTEKSGV
EYSLDNLYEGKKVILTPTKKTDKKRLKLVKRVWEDVGGVVEYMSPELHDYVFGVVSHLPHAVAFALVDTLIHMSTPEVDL
FKYPGGGFKDFTRIAKSDPIMWRDIFLENKENVMKAIEGFEKSLNHLKELIVREAEEELVEYLKEVKIKRMEID
;
_entity_poly.pdbx_strand_id   A,B,C,D
#
# COMPACT_ATOMS: atom_id res chain seq x y z
N LYS A 29 58.22 49.50 -12.53
CA LYS A 29 59.01 48.64 -11.61
C LYS A 29 60.06 47.79 -12.30
N SER A 30 60.04 46.47 -12.00
CA SER A 30 61.19 45.61 -12.15
C SER A 30 61.01 44.46 -13.14
N LEU A 31 62.14 43.82 -13.49
CA LEU A 31 62.15 42.73 -14.43
C LEU A 31 62.69 41.42 -13.85
N SER A 32 61.79 40.81 -13.10
CA SER A 32 62.06 39.65 -12.32
C SER A 32 61.88 38.41 -13.18
N MET A 33 61.55 38.65 -14.45
CA MET A 33 61.24 37.64 -15.44
C MET A 33 61.65 38.15 -16.81
N GLN A 34 62.54 37.47 -17.49
CA GLN A 34 62.89 37.86 -18.85
C GLN A 34 62.30 36.91 -19.92
N ASN A 35 62.69 35.63 -19.86
CA ASN A 35 62.21 34.62 -20.84
C ASN A 35 61.47 33.49 -20.17
N VAL A 36 60.18 33.32 -20.47
CA VAL A 36 59.53 32.14 -19.90
C VAL A 36 59.45 31.01 -20.89
N LEU A 37 59.51 29.79 -20.37
CA LEU A 37 59.39 28.59 -21.22
C LEU A 37 58.07 27.91 -20.91
N ILE A 38 57.26 27.64 -21.90
CA ILE A 38 56.06 26.84 -21.74
C ILE A 38 56.41 25.42 -22.16
N VAL A 39 56.47 24.49 -21.22
CA VAL A 39 56.76 23.09 -21.58
C VAL A 39 55.43 22.34 -21.71
N GLY A 40 55.12 21.85 -22.92
CA GLY A 40 53.80 21.35 -23.19
C GLY A 40 52.92 22.53 -23.59
N VAL A 41 52.93 22.81 -24.90
CA VAL A 41 52.13 23.92 -25.41
C VAL A 41 50.75 23.40 -25.91
N GLY A 42 49.92 22.99 -24.97
CA GLY A 42 48.58 22.55 -25.19
C GLY A 42 47.56 23.50 -24.55
N PHE A 43 46.42 22.95 -24.13
CA PHE A 43 45.35 23.81 -23.62
C PHE A 43 45.77 24.56 -22.37
N MET A 44 46.42 23.86 -21.43
CA MET A 44 46.80 24.47 -20.19
C MET A 44 48.10 25.34 -20.31
N GLY A 45 49.10 24.86 -21.06
CA GLY A 45 50.28 25.66 -21.30
C GLY A 45 49.98 26.95 -22.07
N GLY A 46 49.07 26.86 -23.05
CA GLY A 46 48.71 27.98 -23.91
C GLY A 46 47.94 29.06 -23.16
N SER A 47 47.05 28.61 -22.25
CA SER A 47 46.21 29.48 -21.42
C SER A 47 47.10 30.19 -20.43
N PHE A 48 48.11 29.51 -19.92
CA PHE A 48 49.05 30.20 -19.05
C PHE A 48 49.82 31.27 -19.84
N ALA A 49 50.41 30.86 -20.99
CA ALA A 49 50.99 31.81 -21.96
C ALA A 49 50.14 33.03 -22.20
N LYS A 50 48.86 32.79 -22.47
CA LYS A 50 47.96 33.83 -22.98
C LYS A 50 47.64 34.82 -21.87
N SER A 51 47.22 34.24 -20.74
CA SER A 51 46.93 34.91 -19.52
C SER A 51 48.16 35.74 -19.06
N LEU A 52 49.34 35.15 -19.09
CA LEU A 52 50.56 35.90 -18.79
C LEU A 52 50.74 37.18 -19.64
N ARG A 53 50.59 37.09 -20.96
CA ARG A 53 50.89 38.20 -21.88
C ARG A 53 49.85 39.29 -21.72
N ARG A 54 48.66 38.84 -21.32
CA ARG A 54 47.55 39.71 -21.14
C ARG A 54 47.60 40.41 -19.78
N SER A 55 48.33 39.84 -18.81
CA SER A 55 48.58 40.55 -17.54
C SER A 55 49.64 41.66 -17.65
N GLY A 56 50.32 41.74 -18.80
CA GLY A 56 51.29 42.81 -19.09
C GLY A 56 52.73 42.35 -19.18
N PHE A 57 52.97 41.03 -19.19
CA PHE A 57 54.32 40.51 -19.27
C PHE A 57 54.96 40.90 -20.59
N LYS A 58 56.13 41.53 -20.53
CA LYS A 58 56.69 42.13 -21.73
C LYS A 58 57.76 41.24 -22.34
N GLY A 59 58.15 40.21 -21.59
CA GLY A 59 59.23 39.35 -22.00
C GLY A 59 58.96 38.34 -23.12
N LYS A 60 59.92 37.45 -23.33
CA LYS A 60 59.84 36.46 -24.38
C LYS A 60 59.11 35.22 -23.85
N ILE A 61 58.12 34.74 -24.60
CA ILE A 61 57.42 33.51 -24.19
C ILE A 61 57.63 32.39 -25.17
N TYR A 62 58.31 31.35 -24.71
CA TYR A 62 58.81 30.28 -25.56
C TYR A 62 58.08 28.96 -25.33
N GLY A 63 58.17 28.04 -26.30
CA GLY A 63 57.41 26.81 -26.26
C GLY A 63 58.40 25.67 -26.41
N TYR A 64 58.22 24.59 -25.65
CA TYR A 64 58.89 23.28 -25.93
C TYR A 64 57.79 22.20 -25.90
N ASP A 65 57.81 21.28 -26.88
CA ASP A 65 56.79 20.25 -27.01
C ASP A 65 57.39 19.04 -27.84
N ILE A 66 56.78 17.86 -27.77
CA ILE A 66 57.27 16.80 -28.67
C ILE A 66 56.56 16.85 -29.98
N ASN A 67 55.38 17.47 -29.93
CA ASN A 67 54.56 17.65 -31.12
C ASN A 67 54.82 18.99 -31.80
N PRO A 68 55.41 18.95 -33.04
CA PRO A 68 55.79 20.15 -33.80
C PRO A 68 54.59 21.00 -34.14
N GLU A 69 53.45 20.32 -34.33
CA GLU A 69 52.23 20.98 -34.73
C GLU A 69 51.66 21.79 -33.56
N SER A 70 51.86 21.31 -32.33
CA SER A 70 51.54 22.07 -31.12
C SER A 70 52.32 23.37 -31.13
N ILE A 71 53.61 23.28 -31.46
CA ILE A 71 54.47 24.45 -31.56
C ILE A 71 53.92 25.38 -32.67
N SER A 72 53.55 24.76 -33.78
CA SER A 72 53.14 25.51 -34.97
C SER A 72 51.85 26.36 -34.83
N LYS A 73 50.84 25.74 -34.22
CA LYS A 73 49.56 26.36 -33.93
C LYS A 73 49.72 27.52 -32.92
N ALA A 74 50.58 27.29 -31.95
CA ALA A 74 50.92 28.24 -30.91
C ALA A 74 51.57 29.50 -31.46
N VAL A 75 52.53 29.30 -32.37
CA VAL A 75 53.22 30.44 -32.99
C VAL A 75 52.22 31.27 -33.83
N ASP A 76 51.39 30.57 -34.60
CA ASP A 76 50.43 31.19 -35.52
C ASP A 76 49.31 31.98 -34.85
N LEU A 77 48.99 31.64 -33.60
CA LEU A 77 47.94 32.26 -32.78
C LEU A 77 48.48 33.35 -31.85
N GLY A 78 49.83 33.52 -31.86
CA GLY A 78 50.49 34.59 -31.14
C GLY A 78 50.89 34.14 -29.76
N ILE A 79 50.43 32.96 -29.39
CA ILE A 79 50.60 32.43 -28.03
C ILE A 79 52.06 32.27 -27.60
N ILE A 80 52.95 32.06 -28.58
CA ILE A 80 54.40 32.04 -28.28
C ILE A 80 55.20 32.77 -29.33
N ASP A 81 56.38 33.23 -28.97
CA ASP A 81 57.21 34.00 -29.89
C ASP A 81 58.09 33.12 -30.75
N GLU A 82 58.56 32.00 -30.20
CA GLU A 82 59.34 31.04 -30.97
C GLU A 82 59.31 29.74 -30.19
N GLY A 83 59.37 28.61 -30.88
CA GLY A 83 59.58 27.33 -30.20
C GLY A 83 60.40 26.31 -30.97
N THR A 84 60.41 25.10 -30.40
CA THR A 84 61.23 23.98 -30.82
C THR A 84 60.64 22.68 -30.29
N THR A 85 60.90 21.59 -31.00
CA THR A 85 60.70 20.26 -30.43
C THR A 85 62.02 19.57 -29.98
N SER A 86 63.13 20.31 -29.97
CA SER A 86 64.41 19.80 -29.40
C SER A 86 64.64 20.41 -28.05
N ILE A 87 64.86 19.58 -27.03
CA ILE A 87 64.97 20.06 -25.63
C ILE A 87 66.25 20.85 -25.45
N ALA A 88 67.23 20.55 -26.27
CA ALA A 88 68.54 21.15 -26.15
C ALA A 88 68.54 22.57 -26.72
N LYS A 89 67.76 22.81 -27.80
CA LYS A 89 67.54 24.19 -28.34
C LYS A 89 67.04 25.11 -27.26
N VAL A 90 66.35 24.53 -26.28
CA VAL A 90 65.76 25.35 -25.23
C VAL A 90 66.84 26.24 -24.57
N GLU A 91 68.11 25.87 -24.65
CA GLU A 91 69.19 26.62 -23.97
C GLU A 91 69.44 27.99 -24.61
N ASP A 92 69.25 28.04 -25.93
CA ASP A 92 69.29 29.27 -26.72
C ASP A 92 68.24 30.30 -26.34
N PHE A 93 67.17 29.84 -25.69
CA PHE A 93 66.13 30.71 -25.10
C PHE A 93 66.49 31.24 -23.70
N SER A 94 67.55 30.72 -23.09
CA SER A 94 67.99 31.13 -21.73
C SER A 94 66.84 31.38 -20.72
N PRO A 95 65.89 30.45 -20.58
CA PRO A 95 64.66 30.78 -19.82
C PRO A 95 64.88 30.91 -18.32
N ASP A 96 64.30 31.92 -17.66
CA ASP A 96 64.40 32.00 -16.20
C ASP A 96 63.20 31.53 -15.42
N PHE A 97 62.11 31.21 -16.13
CA PHE A 97 60.85 30.78 -15.54
C PHE A 97 60.23 29.72 -16.45
N VAL A 98 60.15 28.50 -15.95
CA VAL A 98 59.55 27.43 -16.71
C VAL A 98 58.22 27.03 -16.10
N MET A 99 57.21 26.98 -16.94
CA MET A 99 55.91 26.38 -16.58
C MET A 99 55.67 25.01 -17.21
N LEU A 100 55.86 23.93 -16.45
CA LEU A 100 55.59 22.55 -16.92
C LEU A 100 54.12 22.28 -17.08
N SER A 101 53.66 22.02 -18.32
CA SER A 101 52.23 21.97 -18.64
C SER A 101 51.92 20.80 -19.55
N SER A 102 52.79 19.81 -19.56
CA SER A 102 52.58 18.60 -20.34
C SER A 102 52.04 17.54 -19.36
N PRO A 103 51.67 16.33 -19.83
CA PRO A 103 51.18 15.32 -18.92
C PRO A 103 52.15 15.05 -17.76
N VAL A 104 51.60 14.78 -16.60
CA VAL A 104 52.44 14.74 -15.44
C VAL A 104 53.70 13.76 -15.51
N ARG A 105 53.49 12.57 -16.06
CA ARG A 105 54.52 11.56 -16.26
C ARG A 105 55.71 11.99 -17.09
N THR A 106 55.59 13.04 -17.89
CA THR A 106 56.72 13.50 -18.68
C THR A 106 57.66 14.41 -17.91
N PHE A 107 57.26 14.79 -16.70
CA PHE A 107 57.92 15.84 -15.93
C PHE A 107 59.34 15.45 -15.49
N ARG A 108 59.49 14.27 -14.89
CA ARG A 108 60.80 13.87 -14.36
C ARG A 108 61.90 13.90 -15.42
N GLU A 109 61.60 13.36 -16.60
CA GLU A 109 62.56 13.23 -17.66
C GLU A 109 62.80 14.59 -18.25
N ILE A 110 61.75 15.39 -18.43
CA ILE A 110 62.00 16.74 -18.90
C ILE A 110 62.85 17.47 -17.88
N ALA A 111 62.55 17.29 -16.60
CA ALA A 111 63.31 17.98 -15.58
C ALA A 111 64.82 17.62 -15.61
N LYS A 112 65.11 16.33 -15.79
CA LYS A 112 66.48 15.83 -15.82
C LYS A 112 67.30 16.55 -16.89
N LYS A 113 66.72 16.73 -18.09
CA LYS A 113 67.34 17.52 -19.13
C LYS A 113 67.49 18.98 -18.80
N LEU A 114 66.43 19.60 -18.30
CA LEU A 114 66.46 20.99 -17.85
C LEU A 114 67.42 21.27 -16.74
N SER A 115 67.82 20.27 -15.96
CA SER A 115 68.69 20.57 -14.85
C SER A 115 70.10 20.91 -15.29
N TYR A 116 70.47 20.53 -16.53
CA TYR A 116 71.80 20.86 -17.09
C TYR A 116 71.74 22.12 -17.95
N ILE A 117 70.57 22.38 -18.46
CA ILE A 117 70.33 23.42 -19.43
C ILE A 117 70.14 24.73 -18.67
N LEU A 118 69.43 24.68 -17.53
CA LEU A 118 68.98 25.90 -16.79
C LEU A 118 69.96 26.51 -15.79
N SER A 119 70.04 27.85 -15.80
CA SER A 119 70.79 28.57 -14.80
C SER A 119 70.44 28.13 -13.38
N GLU A 120 71.38 28.33 -12.46
CA GLU A 120 71.12 28.10 -11.04
C GLU A 120 70.01 29.00 -10.50
N ASP A 121 69.75 30.12 -11.17
CA ASP A 121 68.74 31.11 -10.69
C ASP A 121 67.40 31.08 -11.47
N ALA A 122 67.21 30.08 -12.33
CA ALA A 122 65.91 29.94 -13.04
C ALA A 122 64.89 29.40 -12.07
N THR A 123 63.63 29.67 -12.33
CA THR A 123 62.62 29.15 -11.46
C THR A 123 61.81 28.18 -12.29
N VAL A 124 61.49 27.01 -11.72
CA VAL A 124 60.64 26.05 -12.39
C VAL A 124 59.42 25.72 -11.55
N THR A 125 58.25 25.71 -12.19
CA THR A 125 57.01 25.36 -11.53
C THR A 125 56.11 24.62 -12.48
N ASP A 126 54.91 24.23 -12.05
CA ASP A 126 54.08 23.35 -12.85
C ASP A 126 52.56 23.56 -12.63
N GLN A 127 51.76 22.96 -13.51
CA GLN A 127 50.33 22.94 -13.42
C GLN A 127 49.80 21.51 -13.31
N GLY A 128 50.62 20.55 -12.94
CA GLY A 128 50.12 19.17 -12.94
C GLY A 128 49.04 18.89 -11.91
N SER A 129 48.16 17.99 -12.26
CA SER A 129 47.07 17.60 -11.33
C SER A 129 47.43 16.73 -10.12
N VAL A 130 48.65 16.22 -10.06
CA VAL A 130 49.09 15.49 -8.88
C VAL A 130 50.35 16.16 -8.41
N LYS A 131 50.60 16.10 -7.11
CA LYS A 131 51.82 16.60 -6.52
C LYS A 131 52.48 15.40 -5.79
N GLY A 132 52.34 15.35 -4.48
CA GLY A 132 52.85 14.23 -3.69
C GLY A 132 54.29 13.95 -4.00
N LYS A 133 54.58 12.69 -4.35
CA LYS A 133 55.96 12.24 -4.56
C LYS A 133 56.62 13.02 -5.68
N LEU A 134 55.90 13.30 -6.75
CA LEU A 134 56.46 14.07 -7.88
C LEU A 134 57.17 15.39 -7.49
N VAL A 135 56.62 16.10 -6.51
CA VAL A 135 57.21 17.37 -6.06
C VAL A 135 58.58 17.16 -5.39
N TYR A 136 58.66 16.20 -4.48
CA TYR A 136 59.93 15.78 -3.88
C TYR A 136 60.92 15.35 -4.93
N ASP A 137 60.47 14.59 -5.93
CA ASP A 137 61.43 14.09 -6.96
C ASP A 137 61.91 15.25 -7.80
N LEU A 138 61.02 16.20 -8.12
CA LEU A 138 61.45 17.33 -8.95
C LEU A 138 62.41 18.24 -8.18
N GLU A 139 62.19 18.47 -6.87
CA GLU A 139 63.14 19.19 -5.99
C GLU A 139 64.53 18.53 -6.04
N ASN A 140 64.55 17.21 -5.86
CA ASN A 140 65.78 16.43 -5.99
C ASN A 140 66.41 16.59 -7.36
N ILE A 141 65.60 16.68 -8.42
CA ILE A 141 66.16 16.89 -9.78
C ILE A 141 66.65 18.32 -10.08
N LEU A 142 65.86 19.34 -9.73
CA LEU A 142 66.13 20.69 -10.15
C LEU A 142 66.68 21.55 -9.01
N GLY A 143 66.87 20.90 -7.85
CA GLY A 143 67.34 21.59 -6.69
C GLY A 143 66.37 22.70 -6.31
N LYS A 144 66.93 23.78 -5.80
CA LYS A 144 66.16 24.86 -5.20
C LYS A 144 65.27 25.58 -6.22
N ARG A 145 65.39 25.24 -7.52
CA ARG A 145 64.63 25.95 -8.59
C ARG A 145 63.13 25.65 -8.54
N PHE A 146 62.80 24.49 -7.95
CA PHE A 146 61.42 23.97 -8.12
C PHE A 146 60.36 24.44 -7.09
N VAL A 147 59.18 24.77 -7.62
CA VAL A 147 57.98 25.02 -6.82
C VAL A 147 56.75 24.31 -7.43
N GLY A 148 56.11 23.46 -6.64
CA GLY A 148 54.93 22.76 -7.11
C GLY A 148 53.66 23.59 -7.06
N GLY A 149 52.86 23.49 -8.12
CA GLY A 149 51.55 24.11 -8.17
C GLY A 149 50.55 23.33 -8.97
N HIS A 150 49.29 23.71 -8.77
CA HIS A 150 48.19 23.07 -9.45
C HIS A 150 47.03 24.04 -9.43
N PRO A 151 46.67 24.63 -10.60
CA PRO A 151 45.42 25.43 -10.68
C PRO A 151 44.18 24.52 -10.84
N ILE A 152 43.21 24.77 -9.98
CA ILE A 152 41.98 24.03 -9.87
C ILE A 152 41.01 24.72 -10.82
N ALA A 153 41.32 24.60 -12.10
CA ALA A 153 40.62 25.31 -13.12
C ALA A 153 40.01 24.26 -13.99
N GLY A 154 38.75 24.48 -14.34
CA GLY A 154 37.88 23.45 -14.89
C GLY A 154 37.86 23.30 -16.38
N THR A 155 36.90 23.96 -17.01
CA THR A 155 36.52 23.70 -18.41
C THR A 155 37.49 22.67 -19.07
N GLU A 156 36.93 21.55 -19.54
CA GLU A 156 37.70 20.33 -19.83
C GLU A 156 38.71 20.56 -20.93
N LYS A 157 38.27 20.30 -22.17
CA LYS A 157 38.96 20.67 -23.43
C LYS A 157 40.42 20.19 -23.54
N SER A 158 40.89 20.06 -24.78
CA SER A 158 42.28 19.79 -25.07
C SER A 158 42.85 20.53 -26.27
N GLY A 159 44.19 20.71 -26.26
CA GLY A 159 44.85 21.40 -27.37
C GLY A 159 44.92 22.89 -27.25
N VAL A 160 46.00 23.44 -27.78
CA VAL A 160 46.31 24.86 -27.68
C VAL A 160 45.24 25.75 -28.35
N GLU A 161 44.53 25.24 -29.38
CA GLU A 161 43.51 25.99 -30.13
C GLU A 161 42.38 26.45 -29.24
N TYR A 162 42.27 25.85 -28.06
CA TYR A 162 41.19 26.15 -27.10
C TYR A 162 41.66 27.00 -25.98
N SER A 163 42.96 27.28 -25.92
CA SER A 163 43.46 27.95 -24.74
C SER A 163 42.78 29.34 -24.52
N LEU A 164 42.68 29.77 -23.27
CA LEU A 164 41.87 30.97 -22.92
C LEU A 164 42.71 31.98 -22.14
N ASP A 165 42.43 33.28 -22.34
CA ASP A 165 43.31 34.30 -21.72
C ASP A 165 42.84 34.80 -20.32
N ASN A 166 41.71 34.12 -19.82
CA ASN A 166 41.08 34.47 -18.52
C ASN A 166 40.67 33.22 -17.71
N LEU A 167 41.36 32.09 -18.01
CA LEU A 167 41.10 30.77 -17.42
C LEU A 167 41.21 30.69 -15.90
N TYR A 168 42.20 31.35 -15.31
CA TYR A 168 42.50 31.20 -13.89
C TYR A 168 41.76 32.23 -12.96
N GLU A 169 40.98 33.13 -13.55
CA GLU A 169 40.27 34.17 -12.79
C GLU A 169 39.24 33.62 -11.81
N GLY A 170 39.52 33.87 -10.52
CA GLY A 170 38.64 33.45 -9.45
C GLY A 170 38.95 32.09 -8.89
N LYS A 171 39.80 31.32 -9.57
CA LYS A 171 39.99 29.91 -9.24
C LYS A 171 41.07 29.78 -8.25
N LYS A 172 40.94 28.78 -7.39
CA LYS A 172 42.03 28.50 -6.51
C LYS A 172 43.17 27.82 -7.26
N VAL A 173 44.39 28.17 -6.83
CA VAL A 173 45.62 27.66 -7.33
C VAL A 173 46.33 27.17 -6.09
N ILE A 174 46.73 25.90 -6.05
CA ILE A 174 47.36 25.36 -4.85
C ILE A 174 48.83 25.27 -5.09
N LEU A 175 49.63 25.89 -4.23
CA LEU A 175 51.07 25.70 -4.28
C LEU A 175 51.45 24.75 -3.18
N THR A 176 52.37 23.82 -3.45
CA THR A 176 52.77 22.84 -2.42
C THR A 176 54.20 23.00 -1.93
N PRO A 177 54.49 24.03 -1.13
CA PRO A 177 55.85 24.15 -0.60
C PRO A 177 56.21 23.06 0.42
N THR A 178 57.51 22.81 0.58
CA THR A 178 58.02 21.89 1.58
C THR A 178 59.02 22.73 2.34
N LYS A 179 59.64 22.20 3.36
CA LYS A 179 60.68 23.00 4.04
C LYS A 179 61.89 23.27 3.12
N LYS A 180 61.97 22.55 2.00
CA LYS A 180 63.09 22.69 1.08
C LYS A 180 62.89 23.83 0.09
N THR A 181 61.68 24.33 -0.05
CA THR A 181 61.46 25.24 -1.19
C THR A 181 62.05 26.59 -0.89
N ASP A 182 62.52 27.25 -1.95
CA ASP A 182 63.13 28.58 -1.81
C ASP A 182 62.00 29.61 -1.69
N LYS A 183 61.97 30.32 -0.57
CA LYS A 183 60.93 31.29 -0.29
C LYS A 183 60.77 32.38 -1.30
N LYS A 184 61.86 32.89 -1.84
CA LYS A 184 61.75 33.95 -2.82
C LYS A 184 61.11 33.45 -4.11
N ARG A 185 61.45 32.23 -4.54
CA ARG A 185 60.80 31.62 -5.68
C ARG A 185 59.33 31.32 -5.42
N LEU A 186 59.01 30.83 -4.21
CA LEU A 186 57.64 30.57 -3.81
C LEU A 186 56.82 31.88 -3.91
N LYS A 187 57.45 32.96 -3.48
CA LYS A 187 56.88 34.30 -3.57
C LYS A 187 56.66 34.73 -5.00
N LEU A 188 57.61 34.39 -5.89
CA LEU A 188 57.50 34.74 -7.31
C LEU A 188 56.32 34.06 -8.00
N VAL A 189 56.25 32.75 -7.84
CA VAL A 189 55.25 31.92 -8.46
C VAL A 189 53.88 32.30 -7.95
N LYS A 190 53.75 32.46 -6.63
CA LYS A 190 52.47 32.94 -6.06
C LYS A 190 52.05 34.24 -6.71
N ARG A 191 52.99 35.15 -6.87
CA ARG A 191 52.60 36.40 -7.43
C ARG A 191 52.24 36.21 -8.91
N VAL A 192 52.92 35.29 -9.60
CA VAL A 192 52.60 35.19 -10.99
C VAL A 192 51.15 34.75 -11.14
N TRP A 193 50.68 33.89 -10.24
CA TRP A 193 49.31 33.36 -10.37
C TRP A 193 48.26 34.42 -10.01
N GLU A 194 48.66 35.36 -9.15
CA GLU A 194 47.79 36.51 -8.82
C GLU A 194 47.67 37.46 -10.02
N ASP A 195 48.78 37.70 -10.71
CA ASP A 195 48.73 38.48 -11.93
C ASP A 195 47.76 37.88 -12.96
N VAL A 196 47.64 36.54 -13.02
CA VAL A 196 46.63 35.95 -13.91
C VAL A 196 45.27 35.75 -13.25
N GLY A 197 45.19 36.04 -11.96
CA GLY A 197 43.91 36.18 -11.27
C GLY A 197 43.52 35.01 -10.40
N GLY A 198 44.43 34.04 -10.22
CA GLY A 198 44.26 32.92 -9.29
C GLY A 198 44.31 33.37 -7.85
N VAL A 199 43.61 32.62 -7.00
CA VAL A 199 43.59 32.85 -5.57
C VAL A 199 44.39 31.72 -4.98
N VAL A 200 45.54 32.05 -4.43
CA VAL A 200 46.57 31.09 -4.06
C VAL A 200 46.45 30.62 -2.61
N GLU A 201 46.75 29.35 -2.38
CA GLU A 201 46.72 28.75 -1.04
C GLU A 201 47.75 27.61 -1.02
N TYR A 202 48.23 27.27 0.16
CA TYR A 202 49.32 26.27 0.26
C TYR A 202 48.81 24.98 0.88
N MET A 203 49.34 23.85 0.40
CA MET A 203 49.00 22.55 0.93
C MET A 203 50.27 21.72 0.85
N SER A 204 50.49 20.79 1.78
CA SER A 204 51.58 19.82 1.57
C SER A 204 51.34 18.99 0.27
N PRO A 205 52.41 18.48 -0.31
CA PRO A 205 52.18 17.67 -1.50
C PRO A 205 51.30 16.46 -1.17
N GLU A 206 51.48 15.86 0.02
CA GLU A 206 50.76 14.63 0.38
C GLU A 206 49.26 14.90 0.64
N LEU A 207 49.01 16.06 1.24
CA LEU A 207 47.61 16.44 1.53
C LEU A 207 46.91 16.71 0.25
N HIS A 208 47.55 17.47 -0.62
CA HIS A 208 47.03 17.66 -2.00
C HIS A 208 46.53 16.36 -2.68
N ASP A 209 47.30 15.28 -2.58
CA ASP A 209 47.03 14.06 -3.32
C ASP A 209 45.93 13.22 -2.67
N TYR A 210 45.80 13.31 -1.34
CA TYR A 210 44.59 12.81 -0.64
C TYR A 210 43.32 13.60 -1.02
N VAL A 211 43.38 14.92 -0.91
CA VAL A 211 42.22 15.77 -1.16
C VAL A 211 41.69 15.61 -2.56
N PHE A 212 42.59 15.80 -3.53
CA PHE A 212 42.17 15.67 -4.92
C PHE A 212 41.94 14.25 -5.40
N GLY A 213 42.52 13.27 -4.71
CA GLY A 213 42.20 11.88 -5.06
C GLY A 213 40.72 11.72 -4.72
N VAL A 214 40.29 12.29 -3.59
CA VAL A 214 38.88 12.19 -3.21
C VAL A 214 37.91 13.11 -3.98
N VAL A 215 38.24 14.39 -4.11
CA VAL A 215 37.30 15.38 -4.68
C VAL A 215 37.34 15.52 -6.21
N SER A 216 38.37 14.93 -6.86
CA SER A 216 38.54 15.09 -8.30
C SER A 216 38.74 13.74 -9.03
N HIS A 217 39.72 12.98 -8.55
CA HIS A 217 40.14 11.75 -9.21
C HIS A 217 39.05 10.70 -9.06
N LEU A 218 38.46 10.60 -7.87
CA LEU A 218 37.38 9.64 -7.62
C LEU A 218 36.13 9.88 -8.50
N PRO A 219 35.60 11.10 -8.56
CA PRO A 219 34.42 11.36 -9.43
C PRO A 219 34.67 11.05 -10.91
N HIS A 220 35.87 11.34 -11.41
CA HIS A 220 36.21 10.95 -12.78
C HIS A 220 36.22 9.41 -12.87
N ALA A 221 36.71 8.74 -11.85
CA ALA A 221 36.80 7.32 -11.92
C ALA A 221 35.41 6.70 -12.01
N VAL A 222 34.48 7.19 -11.20
CA VAL A 222 33.15 6.58 -11.17
C VAL A 222 32.35 6.97 -12.41
N ALA A 223 32.59 8.18 -12.93
CA ALA A 223 31.99 8.61 -14.24
C ALA A 223 32.46 7.66 -15.35
N PHE A 224 33.78 7.43 -15.44
CA PHE A 224 34.31 6.46 -16.41
C PHE A 224 33.62 5.11 -16.22
N ALA A 225 33.48 4.66 -14.98
CA ALA A 225 32.92 3.34 -14.74
C ALA A 225 31.38 3.25 -15.02
N LEU A 226 30.69 4.38 -14.80
CA LEU A 226 29.29 4.52 -15.18
C LEU A 226 29.11 4.39 -16.66
N VAL A 227 29.90 5.13 -17.41
CA VAL A 227 29.80 5.03 -18.85
C VAL A 227 30.05 3.57 -19.23
N ASP A 228 31.08 2.93 -18.64
CA ASP A 228 31.34 1.47 -18.88
C ASP A 228 30.11 0.61 -18.50
N THR A 229 29.33 1.06 -17.53
CA THR A 229 28.23 0.27 -17.07
C THR A 229 27.14 0.20 -18.15
N LEU A 230 26.81 1.36 -18.75
CA LEU A 230 25.82 1.42 -19.80
C LEU A 230 26.28 0.64 -21.06
N ILE A 231 27.58 0.62 -21.31
CA ILE A 231 28.06 -0.20 -22.39
C ILE A 231 27.70 -1.67 -22.20
N HIS A 232 28.05 -2.24 -21.03
CA HIS A 232 27.86 -3.69 -20.86
C HIS A 232 26.44 -4.06 -20.42
N MET A 233 25.65 -3.06 -19.98
CA MET A 233 24.28 -3.37 -19.61
C MET A 233 23.28 -3.15 -20.74
N SER A 234 23.75 -2.58 -21.85
CA SER A 234 22.96 -2.55 -23.09
C SER A 234 22.77 -3.95 -23.69
N THR A 235 21.71 -4.14 -24.47
CA THR A 235 21.55 -5.35 -25.23
C THR A 235 21.64 -4.90 -26.69
N PRO A 236 21.79 -5.83 -27.63
CA PRO A 236 21.76 -5.44 -29.04
C PRO A 236 20.53 -4.67 -29.51
N GLU A 237 19.40 -4.88 -28.85
CA GLU A 237 18.17 -4.32 -29.36
C GLU A 237 17.94 -3.01 -28.59
N VAL A 238 18.53 -2.88 -27.41
CA VAL A 238 18.31 -1.77 -26.57
C VAL A 238 19.61 -1.06 -26.18
N ASP A 239 19.87 0.04 -26.88
CA ASP A 239 20.98 0.92 -26.59
C ASP A 239 20.63 1.88 -25.47
N LEU A 240 21.29 1.74 -24.32
CA LEU A 240 20.92 2.59 -23.16
C LEU A 240 21.31 4.08 -23.29
N PHE A 241 22.23 4.37 -24.22
CA PHE A 241 22.75 5.73 -24.44
C PHE A 241 21.72 6.59 -25.15
N LYS A 242 20.70 5.96 -25.69
CA LYS A 242 19.54 6.69 -26.20
C LYS A 242 18.70 7.42 -25.12
N TYR A 243 18.95 7.14 -23.85
CA TYR A 243 18.13 7.73 -22.76
C TYR A 243 18.99 8.44 -21.73
N PRO A 244 19.60 9.57 -22.11
CA PRO A 244 20.45 10.27 -21.13
C PRO A 244 19.74 11.24 -20.20
N GLY A 245 18.48 11.59 -20.52
CA GLY A 245 17.79 12.69 -19.83
C GLY A 245 17.27 12.39 -18.43
N GLY A 246 17.65 11.26 -17.88
CA GLY A 246 17.16 10.90 -16.58
C GLY A 246 18.20 10.89 -15.48
N GLY A 247 19.32 11.60 -15.70
CA GLY A 247 20.40 11.73 -14.69
C GLY A 247 21.79 11.43 -15.33
N PHE A 248 21.81 10.76 -16.48
CA PHE A 248 23.13 10.29 -16.98
C PHE A 248 23.91 11.44 -17.64
N LYS A 249 23.15 12.40 -18.15
CA LYS A 249 23.74 13.40 -19.00
C LYS A 249 24.96 14.05 -18.42
N ASP A 250 24.91 14.50 -17.17
CA ASP A 250 26.04 15.23 -16.57
C ASP A 250 27.31 14.34 -16.58
N PHE A 251 27.14 13.03 -16.37
CA PHE A 251 28.28 12.10 -16.42
C PHE A 251 28.86 12.00 -17.82
N THR A 252 28.00 12.21 -18.80
CA THR A 252 28.50 12.25 -20.15
C THR A 252 29.67 13.18 -20.39
N ARG A 253 29.99 14.00 -19.39
CA ARG A 253 30.77 15.21 -19.58
C ARG A 253 32.27 15.03 -19.40
N ILE A 254 32.72 14.98 -18.14
CA ILE A 254 34.18 14.83 -17.93
C ILE A 254 34.48 13.33 -18.04
N ALA A 255 33.49 12.57 -18.49
CA ALA A 255 33.81 11.30 -19.00
C ALA A 255 34.55 11.60 -20.34
N LYS A 256 34.30 12.72 -21.03
CA LYS A 256 35.10 13.20 -22.21
C LYS A 256 36.45 13.96 -21.90
N SER A 257 37.03 13.61 -20.76
CA SER A 257 38.34 14.00 -20.41
C SER A 257 39.37 13.24 -21.25
N ASP A 258 40.60 13.74 -21.26
CA ASP A 258 41.70 13.12 -21.94
C ASP A 258 42.15 11.86 -21.21
N PRO A 259 42.04 10.72 -21.90
CA PRO A 259 42.51 9.38 -21.48
C PRO A 259 43.98 9.34 -21.05
N ILE A 260 44.81 10.20 -21.63
CA ILE A 260 46.23 10.17 -21.31
C ILE A 260 46.46 10.88 -20.01
N MET A 261 45.78 12.01 -19.85
CA MET A 261 45.85 12.75 -18.65
C MET A 261 45.35 11.86 -17.53
N TRP A 262 44.28 11.09 -17.76
CA TRP A 262 43.62 10.34 -16.66
C TRP A 262 44.31 9.04 -16.26
N ARG A 263 44.73 8.30 -17.26
CA ARG A 263 45.64 7.17 -17.04
C ARG A 263 46.82 7.62 -16.17
N ASP A 264 47.44 8.74 -16.55
CA ASP A 264 48.53 9.38 -15.82
C ASP A 264 48.20 9.77 -14.40
N ILE A 265 47.05 10.42 -14.20
CA ILE A 265 46.65 10.74 -12.87
C ILE A 265 46.38 9.46 -12.06
N PHE A 266 45.57 8.56 -12.59
CA PHE A 266 45.20 7.36 -11.84
C PHE A 266 46.40 6.56 -11.33
N LEU A 267 47.48 6.48 -12.11
CA LEU A 267 48.63 5.68 -11.71
C LEU A 267 49.54 6.45 -10.78
N GLU A 268 49.80 7.70 -11.13
CA GLU A 268 50.71 8.52 -10.39
C GLU A 268 50.16 8.80 -8.97
N ASN A 269 48.85 8.74 -8.79
CA ASN A 269 48.21 9.00 -7.46
C ASN A 269 47.44 7.76 -7.02
N LYS A 270 47.99 6.62 -7.36
CA LYS A 270 47.30 5.34 -7.29
C LYS A 270 46.78 5.02 -5.87
N GLU A 271 47.59 5.35 -4.89
CA GLU A 271 47.29 4.93 -3.55
C GLU A 271 46.10 5.69 -3.00
N ASN A 272 46.08 7.00 -3.22
CA ASN A 272 44.93 7.80 -2.78
C ASN A 272 43.71 7.50 -3.67
N VAL A 273 43.94 7.25 -4.95
CA VAL A 273 42.84 6.93 -5.85
C VAL A 273 42.11 5.69 -5.30
N MET A 274 42.89 4.65 -4.97
CA MET A 274 42.37 3.41 -4.37
C MET A 274 41.64 3.60 -3.03
N LYS A 275 42.22 4.39 -2.12
CA LYS A 275 41.52 4.74 -0.86
C LYS A 275 40.21 5.53 -1.02
N ALA A 276 40.21 6.47 -1.95
CA ALA A 276 38.99 7.19 -2.37
C ALA A 276 37.92 6.22 -2.96
N ILE A 277 38.33 5.37 -3.90
CA ILE A 277 37.45 4.31 -4.38
C ILE A 277 36.90 3.40 -3.22
N GLU A 278 37.76 3.06 -2.24
CA GLU A 278 37.35 2.28 -1.04
C GLU A 278 36.29 2.95 -0.16
N GLY A 279 36.36 4.28 -0.03
CA GLY A 279 35.40 5.02 0.80
C GLY A 279 34.05 5.13 0.11
N PHE A 280 34.10 5.37 -1.19
CA PHE A 280 32.92 5.45 -2.04
C PHE A 280 32.20 4.11 -1.94
N GLU A 281 32.92 2.99 -2.03
CA GLU A 281 32.31 1.65 -1.92
C GLU A 281 31.62 1.52 -0.56
N LYS A 282 32.27 2.05 0.47
CA LYS A 282 31.72 2.10 1.81
C LYS A 282 30.38 2.85 1.79
N SER A 283 30.32 4.03 1.18
CA SER A 283 29.05 4.77 1.08
C SER A 283 28.04 4.05 0.18
N LEU A 284 28.54 3.50 -0.95
CA LEU A 284 27.62 2.84 -1.87
C LEU A 284 27.02 1.59 -1.21
N ASN A 285 27.86 0.87 -0.45
CA ASN A 285 27.42 -0.30 0.26
C ASN A 285 26.40 0.00 1.34
N HIS A 286 26.53 1.16 1.98
CA HIS A 286 25.55 1.57 3.00
C HIS A 286 24.18 1.80 2.35
N LEU A 287 24.18 2.56 1.26
CA LEU A 287 22.94 2.86 0.53
C LEU A 287 22.32 1.55 0.06
N LYS A 288 23.14 0.64 -0.45
CA LYS A 288 22.66 -0.69 -0.84
C LYS A 288 21.98 -1.41 0.32
N GLU A 289 22.59 -1.38 1.49
CA GLU A 289 22.10 -2.15 2.63
C GLU A 289 20.69 -1.66 3.00
N LEU A 290 20.52 -0.33 2.98
CA LEU A 290 19.24 0.34 3.22
C LEU A 290 18.16 -0.03 2.21
N ILE A 291 18.53 -0.10 0.94
CA ILE A 291 17.57 -0.47 -0.08
C ILE A 291 17.14 -1.94 0.08
N VAL A 292 18.11 -2.78 0.39
CA VAL A 292 17.85 -4.20 0.57
C VAL A 292 16.88 -4.37 1.71
N ARG A 293 17.23 -3.77 2.85
CA ARG A 293 16.49 -3.91 4.08
C ARG A 293 15.11 -3.29 3.89
N GLU A 294 14.97 -2.55 2.78
CA GLU A 294 13.76 -1.78 2.47
C GLU A 294 13.52 -0.89 3.68
N ALA A 295 14.54 -0.13 4.11
CA ALA A 295 14.44 0.72 5.31
C ALA A 295 13.38 1.78 5.07
N GLU A 296 13.74 3.04 4.92
CA GLU A 296 12.67 4.05 4.60
C GLU A 296 12.92 5.42 5.18
N GLU A 297 12.88 5.53 6.51
CA GLU A 297 13.23 6.78 7.18
C GLU A 297 14.70 6.91 7.16
N GLU A 298 15.36 5.76 7.36
CA GLU A 298 16.81 5.68 7.30
C GLU A 298 17.23 6.08 5.92
N LEU A 299 16.62 5.46 4.91
CA LEU A 299 16.91 5.83 3.54
C LEU A 299 16.63 7.30 3.31
N VAL A 300 15.51 7.80 3.79
CA VAL A 300 15.18 9.20 3.51
C VAL A 300 16.20 10.10 4.19
N GLU A 301 16.62 9.72 5.40
CA GLU A 301 17.59 10.51 6.17
C GLU A 301 18.90 10.60 5.47
N TYR A 302 19.38 9.45 5.02
CA TYR A 302 20.65 9.40 4.40
C TYR A 302 20.66 10.36 3.21
N LEU A 303 19.60 10.32 2.39
CA LEU A 303 19.46 11.20 1.22
C LEU A 303 19.30 12.69 1.57
N LYS A 304 18.66 12.98 2.69
CA LYS A 304 18.54 14.39 3.12
C LYS A 304 19.89 14.99 3.56
N GLU A 305 20.71 14.18 4.22
CA GLU A 305 22.05 14.60 4.65
C GLU A 305 22.93 14.92 3.47
N VAL A 306 22.92 14.08 2.44
CA VAL A 306 23.81 14.38 1.31
C VAL A 306 23.26 15.55 0.49
N LYS A 307 21.94 15.64 0.39
CA LYS A 307 21.34 16.82 -0.28
C LYS A 307 21.86 18.09 0.41
N ILE A 308 21.73 18.12 1.72
CA ILE A 308 22.10 19.29 2.50
C ILE A 308 23.56 19.65 2.30
N LYS A 309 24.45 18.66 2.43
CA LYS A 309 25.88 18.91 2.27
C LYS A 309 26.20 19.41 0.85
N ARG A 310 25.47 18.89 -0.15
CA ARG A 310 25.72 19.23 -1.56
C ARG A 310 25.21 20.62 -1.87
N MET A 311 24.07 20.97 -1.29
CA MET A 311 23.53 22.31 -1.37
C MET A 311 24.41 23.39 -0.75
N GLU A 312 25.11 23.07 0.37
CA GLU A 312 26.02 24.05 1.02
C GLU A 312 27.16 24.51 0.12
N ILE A 313 27.51 23.76 -0.92
CA ILE A 313 28.54 24.27 -1.81
C ILE A 313 27.91 25.00 -2.99
N LEU B 31 -64.13 -37.38 18.70
CA LEU B 31 -64.71 -38.65 18.15
C LEU B 31 -64.75 -38.74 16.61
N SER B 32 -64.65 -37.57 15.97
CA SER B 32 -64.74 -37.37 14.52
C SER B 32 -63.38 -37.44 13.80
N MET B 33 -62.31 -37.50 14.59
CA MET B 33 -61.00 -37.91 14.12
C MET B 33 -60.77 -39.23 14.84
N GLN B 34 -60.39 -40.27 14.12
CA GLN B 34 -60.11 -41.55 14.77
C GLN B 34 -58.73 -42.12 14.43
N ASN B 35 -58.41 -42.19 13.14
CA ASN B 35 -57.14 -42.79 12.66
C ASN B 35 -56.27 -41.75 12.01
N VAL B 36 -55.21 -41.35 12.69
CA VAL B 36 -54.33 -40.32 12.15
C VAL B 36 -53.15 -40.95 11.47
N LEU B 37 -52.80 -40.39 10.32
CA LEU B 37 -51.63 -40.80 9.62
C LEU B 37 -50.62 -39.67 9.54
N ILE B 38 -49.42 -39.89 10.10
CA ILE B 38 -48.33 -38.96 9.92
C ILE B 38 -47.50 -39.49 8.75
N VAL B 39 -47.42 -38.68 7.70
CA VAL B 39 -46.61 -38.97 6.55
C VAL B 39 -45.30 -38.26 6.67
N GLY B 40 -44.16 -38.99 6.74
CA GLY B 40 -42.92 -38.36 7.10
C GLY B 40 -42.78 -38.23 8.63
N VAL B 41 -42.35 -39.33 9.22
CA VAL B 41 -42.20 -39.40 10.66
C VAL B 41 -40.81 -38.86 11.02
N GLY B 42 -40.71 -37.51 11.02
CA GLY B 42 -39.47 -36.85 11.38
C GLY B 42 -39.68 -35.80 12.48
N PHE B 43 -38.93 -34.69 12.45
CA PHE B 43 -39.01 -33.69 13.50
C PHE B 43 -40.41 -33.11 13.56
N MET B 44 -40.93 -32.67 12.41
CA MET B 44 -42.29 -32.08 12.40
C MET B 44 -43.43 -33.08 12.54
N GLY B 45 -43.27 -34.25 11.93
CA GLY B 45 -44.30 -35.27 11.95
C GLY B 45 -44.44 -35.82 13.35
N GLY B 46 -43.28 -36.02 13.95
CA GLY B 46 -43.25 -36.54 15.30
C GLY B 46 -43.67 -35.50 16.32
N SER B 47 -43.31 -34.23 16.12
CA SER B 47 -43.82 -33.18 17.02
C SER B 47 -45.34 -33.09 16.97
N PHE B 48 -45.92 -33.24 15.78
CA PHE B 48 -47.35 -33.24 15.66
C PHE B 48 -47.93 -34.48 16.33
N ALA B 49 -47.36 -35.65 16.05
CA ALA B 49 -47.87 -36.85 16.70
C ALA B 49 -47.83 -36.64 18.20
N LYS B 50 -46.69 -36.19 18.71
CA LYS B 50 -46.55 -36.03 20.16
C LYS B 50 -47.54 -35.02 20.76
N SER B 51 -47.59 -33.82 20.19
CA SER B 51 -48.47 -32.73 20.66
C SER B 51 -49.94 -33.16 20.66
N LEU B 52 -50.33 -33.86 19.60
CA LEU B 52 -51.66 -34.38 19.46
C LEU B 52 -52.01 -35.32 20.59
N ARG B 53 -51.12 -36.28 20.90
CA ARG B 53 -51.38 -37.22 22.01
C ARG B 53 -51.42 -36.45 23.34
N ARG B 54 -50.53 -35.46 23.46
CA ARG B 54 -50.50 -34.60 24.64
C ARG B 54 -51.82 -33.89 24.89
N SER B 55 -52.37 -33.25 23.85
CA SER B 55 -53.70 -32.63 23.97
C SER B 55 -54.87 -33.58 24.27
N GLY B 56 -54.59 -34.87 24.47
CA GLY B 56 -55.62 -35.83 24.90
C GLY B 56 -56.33 -36.59 23.78
N PHE B 57 -55.73 -36.59 22.60
CA PHE B 57 -56.20 -37.43 21.49
C PHE B 57 -56.09 -38.92 21.89
N LYS B 58 -57.21 -39.63 21.79
CA LYS B 58 -57.31 -40.96 22.31
C LYS B 58 -57.23 -41.99 21.18
N GLY B 59 -57.21 -41.49 19.94
CA GLY B 59 -57.32 -42.33 18.74
C GLY B 59 -56.05 -43.07 18.40
N LYS B 60 -56.01 -43.66 17.20
CA LYS B 60 -54.78 -44.27 16.71
C LYS B 60 -53.97 -43.30 15.85
N ILE B 61 -52.65 -43.33 16.05
CA ILE B 61 -51.69 -42.54 15.25
C ILE B 61 -50.74 -43.51 14.53
N TYR B 62 -50.85 -43.53 13.23
CA TYR B 62 -50.00 -44.38 12.45
C TYR B 62 -48.93 -43.53 11.80
N GLY B 63 -47.87 -44.17 11.33
CA GLY B 63 -46.86 -43.42 10.56
C GLY B 63 -46.62 -44.07 9.21
N TYR B 64 -46.25 -43.24 8.24
CA TYR B 64 -45.71 -43.73 6.98
C TYR B 64 -44.44 -42.96 6.65
N ASP B 65 -43.42 -43.68 6.19
CA ASP B 65 -42.08 -43.07 5.97
C ASP B 65 -41.29 -43.92 5.01
N ILE B 66 -40.51 -43.33 4.10
CA ILE B 66 -39.60 -44.19 3.29
C ILE B 66 -38.47 -44.78 4.11
N ASN B 67 -38.23 -44.20 5.28
CA ASN B 67 -37.13 -44.59 6.12
C ASN B 67 -37.58 -45.47 7.27
N PRO B 68 -37.22 -46.78 7.23
CA PRO B 68 -37.77 -47.76 8.19
C PRO B 68 -37.24 -47.51 9.60
N GLU B 69 -36.07 -46.88 9.71
CA GLU B 69 -35.53 -46.47 11.03
C GLU B 69 -36.33 -45.27 11.67
N SER B 70 -36.99 -44.45 10.86
CA SER B 70 -37.95 -43.43 11.39
C SER B 70 -39.16 -44.10 12.06
N ILE B 71 -39.70 -45.13 11.41
CA ILE B 71 -40.85 -45.79 11.96
C ILE B 71 -40.42 -46.41 13.28
N SER B 72 -39.27 -47.09 13.28
CA SER B 72 -38.94 -47.97 14.43
C SER B 72 -38.56 -47.15 15.67
N LYS B 73 -37.69 -46.15 15.49
CA LYS B 73 -37.48 -45.14 16.55
C LYS B 73 -38.79 -44.62 17.12
N ALA B 74 -39.66 -44.18 16.20
CA ALA B 74 -40.97 -43.58 16.50
C ALA B 74 -41.87 -44.49 17.32
N VAL B 75 -41.97 -45.73 16.87
CA VAL B 75 -42.60 -46.79 17.64
C VAL B 75 -41.93 -46.99 19.02
N ASP B 76 -40.60 -47.01 19.05
CA ASP B 76 -39.82 -47.22 20.31
C ASP B 76 -40.05 -46.08 21.31
N LEU B 77 -40.28 -44.88 20.76
CA LEU B 77 -40.40 -43.72 21.60
C LEU B 77 -41.84 -43.53 22.00
N GLY B 78 -42.73 -44.26 21.32
CA GLY B 78 -44.13 -44.16 21.64
C GLY B 78 -44.80 -43.05 20.88
N ILE B 79 -44.13 -42.54 19.85
CA ILE B 79 -44.67 -41.43 19.08
C ILE B 79 -45.87 -41.85 18.28
N ILE B 80 -45.78 -43.03 17.66
CA ILE B 80 -46.86 -43.57 16.83
C ILE B 80 -47.14 -44.97 17.33
N ASP B 81 -48.38 -45.45 17.21
CA ASP B 81 -48.72 -46.74 17.71
C ASP B 81 -48.14 -47.80 16.77
N GLU B 82 -48.06 -47.46 15.49
CA GLU B 82 -47.64 -48.43 14.48
C GLU B 82 -47.36 -47.63 13.23
N GLY B 83 -46.47 -48.14 12.39
CA GLY B 83 -46.07 -47.51 11.13
C GLY B 83 -45.59 -48.49 10.07
N THR B 84 -45.21 -47.94 8.91
CA THR B 84 -44.86 -48.75 7.72
C THR B 84 -44.01 -48.00 6.64
N THR B 85 -43.21 -48.74 5.84
CA THR B 85 -42.53 -48.12 4.68
C THR B 85 -43.27 -48.32 3.35
N SER B 86 -44.33 -49.15 3.37
CA SER B 86 -45.10 -49.46 2.18
C SER B 86 -46.40 -48.70 2.08
N ILE B 87 -46.55 -47.93 1.01
CA ILE B 87 -47.73 -47.08 0.84
C ILE B 87 -48.99 -47.91 0.70
N ALA B 88 -48.90 -49.09 0.09
CA ALA B 88 -50.13 -49.89 -0.08
C ALA B 88 -50.69 -50.26 1.30
N LYS B 89 -49.78 -50.47 2.26
CA LYS B 89 -50.12 -50.90 3.62
C LYS B 89 -50.97 -49.90 4.42
N VAL B 90 -50.83 -48.61 4.10
CA VAL B 90 -51.60 -47.54 4.74
C VAL B 90 -53.10 -47.86 4.75
N GLU B 91 -53.59 -48.57 3.73
CA GLU B 91 -55.03 -48.84 3.64
C GLU B 91 -55.53 -49.56 4.89
N ASP B 92 -54.69 -50.47 5.39
CA ASP B 92 -54.99 -51.25 6.59
C ASP B 92 -55.18 -50.37 7.82
N PHE B 93 -54.65 -49.16 7.77
CA PHE B 93 -54.81 -48.23 8.86
C PHE B 93 -56.08 -47.40 8.76
N SER B 94 -56.81 -47.52 7.65
CA SER B 94 -57.96 -46.65 7.37
C SER B 94 -57.90 -45.23 7.99
N PRO B 95 -56.89 -44.42 7.61
CA PRO B 95 -56.78 -43.02 8.11
C PRO B 95 -58.01 -42.15 7.80
N ASP B 96 -58.42 -41.31 8.73
CA ASP B 96 -59.47 -40.36 8.41
C ASP B 96 -58.89 -38.95 8.48
N PHE B 97 -57.69 -38.85 9.05
CA PHE B 97 -56.91 -37.63 9.16
C PHE B 97 -55.39 -37.84 8.86
N VAL B 98 -54.88 -37.22 7.78
CA VAL B 98 -53.52 -37.39 7.31
C VAL B 98 -52.76 -36.07 7.40
N MET B 99 -51.62 -36.09 8.11
CA MET B 99 -50.75 -34.91 8.19
C MET B 99 -49.50 -35.07 7.35
N LEU B 100 -49.42 -34.30 6.26
CA LEU B 100 -48.24 -34.42 5.38
C LEU B 100 -47.10 -33.69 6.08
N SER B 101 -46.04 -34.45 6.44
CA SER B 101 -44.90 -33.93 7.18
C SER B 101 -43.58 -34.36 6.53
N SER B 102 -43.61 -34.62 5.23
CA SER B 102 -42.37 -34.94 4.56
C SER B 102 -41.85 -33.71 3.84
N PRO B 103 -40.67 -33.81 3.23
CA PRO B 103 -40.20 -32.63 2.47
C PRO B 103 -41.17 -32.25 1.38
N VAL B 104 -41.32 -30.94 1.12
CA VAL B 104 -42.46 -30.53 0.28
C VAL B 104 -42.58 -31.13 -1.11
N ARG B 105 -41.50 -31.28 -1.83
CA ARG B 105 -41.65 -31.90 -3.15
C ARG B 105 -42.10 -33.38 -3.12
N THR B 106 -42.19 -34.00 -1.94
CA THR B 106 -42.70 -35.41 -1.90
C THR B 106 -44.23 -35.44 -1.92
N PHE B 107 -44.88 -34.31 -1.67
CA PHE B 107 -46.32 -34.29 -1.45
C PHE B 107 -47.16 -34.80 -2.66
N ARG B 108 -46.79 -34.34 -3.86
CA ARG B 108 -47.61 -34.55 -5.03
C ARG B 108 -47.74 -36.04 -5.38
N GLU B 109 -46.60 -36.72 -5.51
CA GLU B 109 -46.57 -38.18 -5.75
C GLU B 109 -47.31 -38.94 -4.62
N ILE B 110 -47.00 -38.64 -3.35
CA ILE B 110 -47.67 -39.29 -2.22
C ILE B 110 -49.21 -39.11 -2.23
N ALA B 111 -49.70 -37.95 -2.68
CA ALA B 111 -51.14 -37.70 -2.62
C ALA B 111 -51.90 -38.49 -3.70
N LYS B 112 -51.23 -38.73 -4.82
CA LYS B 112 -51.73 -39.58 -5.92
C LYS B 112 -51.89 -41.01 -5.47
N LYS B 113 -50.93 -41.51 -4.70
CA LYS B 113 -51.12 -42.80 -4.05
C LYS B 113 -52.28 -42.73 -3.02
N LEU B 114 -52.30 -41.63 -2.25
CA LEU B 114 -53.33 -41.42 -1.23
C LEU B 114 -54.71 -41.45 -1.81
N SER B 115 -54.88 -40.81 -2.96
CA SER B 115 -56.21 -40.68 -3.50
C SER B 115 -56.91 -42.01 -3.79
N TYR B 116 -56.17 -43.06 -4.13
CA TYR B 116 -56.80 -44.40 -4.31
C TYR B 116 -56.98 -45.13 -2.98
N ILE B 117 -56.23 -44.71 -1.96
CA ILE B 117 -56.24 -45.44 -0.68
C ILE B 117 -57.30 -44.90 0.29
N LEU B 118 -57.52 -43.60 0.25
CA LEU B 118 -58.25 -42.93 1.31
C LEU B 118 -59.75 -42.88 1.10
N SER B 119 -60.46 -43.02 2.21
CA SER B 119 -61.89 -42.85 2.26
C SER B 119 -62.20 -41.43 1.78
N GLU B 120 -63.34 -41.26 1.09
CA GLU B 120 -63.88 -39.95 0.63
C GLU B 120 -64.06 -38.94 1.76
N ASP B 121 -64.32 -39.43 2.98
CA ASP B 121 -64.52 -38.58 4.14
C ASP B 121 -63.21 -38.22 4.86
N ALA B 122 -62.07 -38.75 4.38
CA ALA B 122 -60.79 -38.49 4.99
C ALA B 122 -60.45 -37.03 4.74
N THR B 123 -59.64 -36.46 5.60
CA THR B 123 -59.20 -35.11 5.34
C THR B 123 -57.67 -35.15 5.33
N VAL B 124 -57.05 -34.55 4.31
CA VAL B 124 -55.60 -34.50 4.21
C VAL B 124 -55.19 -33.02 4.43
N THR B 125 -54.18 -32.79 5.25
CA THR B 125 -53.59 -31.47 5.46
C THR B 125 -52.09 -31.64 5.59
N ASP B 126 -51.38 -30.52 5.81
CA ASP B 126 -49.92 -30.61 5.75
C ASP B 126 -49.27 -29.58 6.64
N GLN B 127 -47.95 -29.71 6.78
CA GLN B 127 -47.16 -28.71 7.51
C GLN B 127 -46.11 -28.09 6.58
N GLY B 128 -46.22 -28.31 5.28
CA GLY B 128 -45.13 -27.94 4.40
C GLY B 128 -44.83 -26.48 4.42
N SER B 129 -43.55 -26.14 4.21
CA SER B 129 -43.11 -24.73 4.36
C SER B 129 -43.47 -23.87 3.11
N VAL B 130 -43.95 -24.56 2.03
CA VAL B 130 -44.37 -23.85 0.84
C VAL B 130 -45.79 -24.16 0.58
N LYS B 131 -46.53 -23.18 0.04
CA LYS B 131 -47.92 -23.41 -0.35
C LYS B 131 -48.12 -23.15 -1.83
N GLY B 132 -48.60 -21.97 -2.19
CA GLY B 132 -48.69 -21.56 -3.59
C GLY B 132 -49.31 -22.60 -4.49
N LYS B 133 -48.74 -22.80 -5.68
CA LYS B 133 -49.28 -23.80 -6.63
C LYS B 133 -49.42 -25.22 -6.10
N LEU B 134 -48.53 -25.62 -5.21
CA LEU B 134 -48.64 -26.90 -4.52
C LEU B 134 -50.05 -27.10 -3.99
N VAL B 135 -50.59 -26.11 -3.29
CA VAL B 135 -51.93 -26.22 -2.76
C VAL B 135 -52.98 -26.53 -3.80
N TYR B 136 -52.94 -25.87 -4.94
CA TYR B 136 -53.95 -26.10 -5.96
C TYR B 136 -53.80 -27.50 -6.60
N ASP B 137 -52.55 -27.97 -6.72
CA ASP B 137 -52.29 -29.27 -7.33
C ASP B 137 -52.82 -30.36 -6.38
N LEU B 138 -52.64 -30.15 -5.07
CA LEU B 138 -53.12 -31.11 -4.05
C LEU B 138 -54.64 -31.11 -3.94
N GLU B 139 -55.28 -29.97 -4.25
CA GLU B 139 -56.71 -29.99 -4.43
C GLU B 139 -57.11 -30.81 -5.65
N ASN B 140 -56.43 -30.64 -6.79
CA ASN B 140 -56.81 -31.40 -7.99
C ASN B 140 -56.57 -32.90 -7.77
N ILE B 141 -55.65 -33.23 -6.88
CA ILE B 141 -55.32 -34.63 -6.63
C ILE B 141 -56.29 -35.32 -5.64
N LEU B 142 -56.55 -34.64 -4.54
CA LEU B 142 -57.31 -35.18 -3.43
C LEU B 142 -58.74 -34.63 -3.35
N GLY B 143 -59.11 -33.79 -4.30
CA GLY B 143 -60.44 -33.13 -4.22
C GLY B 143 -60.66 -32.49 -2.85
N LYS B 144 -61.91 -32.43 -2.47
CA LYS B 144 -62.42 -31.95 -1.18
C LYS B 144 -61.61 -32.26 0.07
N ARG B 145 -60.78 -33.33 0.03
CA ARG B 145 -60.09 -33.78 1.23
C ARG B 145 -59.03 -32.83 1.76
N PHE B 146 -58.51 -31.97 0.89
CA PHE B 146 -57.28 -31.22 1.19
C PHE B 146 -57.52 -29.82 1.76
N VAL B 147 -56.77 -29.51 2.80
CA VAL B 147 -56.61 -28.18 3.39
C VAL B 147 -55.11 -27.96 3.56
N GLY B 148 -54.59 -26.86 3.03
CA GLY B 148 -53.19 -26.51 3.17
C GLY B 148 -52.86 -25.75 4.43
N GLY B 149 -51.72 -26.08 4.99
CA GLY B 149 -51.32 -25.61 6.33
C GLY B 149 -49.81 -25.46 6.40
N HIS B 150 -49.38 -24.57 7.30
CA HIS B 150 -47.96 -24.28 7.54
C HIS B 150 -47.72 -23.68 8.93
N PRO B 151 -47.23 -24.51 9.90
CA PRO B 151 -46.90 -24.03 11.25
C PRO B 151 -45.56 -23.30 11.27
N ILE B 152 -45.50 -22.07 11.88
CA ILE B 152 -44.32 -21.24 11.90
C ILE B 152 -43.66 -21.60 13.23
N ALA B 153 -42.97 -22.73 13.27
CA ALA B 153 -42.52 -23.26 14.55
C ALA B 153 -41.35 -24.21 14.32
N GLY B 154 -40.76 -24.66 15.44
CA GLY B 154 -39.53 -25.44 15.46
C GLY B 154 -38.21 -24.67 15.25
N THR B 155 -37.19 -25.45 14.90
CA THR B 155 -35.82 -24.99 14.95
C THR B 155 -35.18 -25.56 13.68
N GLU B 156 -33.87 -25.65 13.66
CA GLU B 156 -33.21 -26.26 12.50
C GLU B 156 -33.03 -27.76 12.64
N LYS B 157 -33.52 -28.34 13.74
CA LYS B 157 -33.42 -29.76 13.97
C LYS B 157 -34.18 -30.50 12.92
N SER B 158 -33.76 -31.75 12.72
CA SER B 158 -34.40 -32.75 11.88
C SER B 158 -34.22 -34.14 12.53
N GLY B 159 -35.13 -35.06 12.26
CA GLY B 159 -35.17 -36.41 12.86
C GLY B 159 -36.18 -36.49 14.00
N VAL B 160 -36.85 -37.63 14.11
CA VAL B 160 -37.89 -37.82 15.14
C VAL B 160 -37.39 -37.69 16.56
N GLU B 161 -36.10 -38.00 16.77
CA GLU B 161 -35.50 -37.99 18.10
C GLU B 161 -35.58 -36.59 18.70
N TYR B 162 -35.74 -35.62 17.82
CA TYR B 162 -35.71 -34.23 18.21
C TYR B 162 -37.14 -33.68 18.37
N SER B 163 -38.13 -34.48 18.03
CA SER B 163 -39.51 -34.03 18.13
C SER B 163 -39.92 -33.59 19.53
N LEU B 164 -40.84 -32.62 19.62
CA LEU B 164 -41.27 -32.11 20.91
C LEU B 164 -42.79 -32.12 21.03
N ASP B 165 -43.29 -32.30 22.25
CA ASP B 165 -44.76 -32.29 22.42
C ASP B 165 -45.37 -30.90 22.67
N ASN B 166 -44.52 -29.87 22.71
CA ASN B 166 -44.96 -28.49 22.99
C ASN B 166 -44.45 -27.50 21.93
N LEU B 167 -44.10 -28.04 20.76
CA LEU B 167 -43.53 -27.29 19.64
C LEU B 167 -44.39 -26.12 19.12
N TYR B 168 -45.70 -26.30 19.10
CA TYR B 168 -46.62 -25.34 18.44
C TYR B 168 -47.27 -24.29 19.38
N GLU B 169 -47.07 -24.44 20.69
CA GLU B 169 -47.80 -23.63 21.66
C GLU B 169 -47.31 -22.17 21.51
N GLY B 170 -48.26 -21.25 21.31
CA GLY B 170 -47.93 -19.81 21.15
C GLY B 170 -47.48 -19.49 19.73
N LYS B 171 -47.51 -20.49 18.85
CA LYS B 171 -46.94 -20.27 17.54
C LYS B 171 -48.05 -20.05 16.50
N LYS B 172 -47.77 -19.20 15.51
CA LYS B 172 -48.62 -19.04 14.34
C LYS B 172 -48.66 -20.27 13.43
N VAL B 173 -49.87 -20.58 12.96
CA VAL B 173 -50.07 -21.59 11.95
C VAL B 173 -50.80 -20.88 10.86
N ILE B 174 -50.29 -20.98 9.63
CA ILE B 174 -50.98 -20.31 8.51
C ILE B 174 -51.75 -21.37 7.76
N LEU B 175 -53.06 -21.15 7.61
CA LEU B 175 -53.84 -22.02 6.76
C LEU B 175 -54.13 -21.27 5.51
N THR B 176 -54.18 -22.00 4.40
CA THR B 176 -54.37 -21.33 3.10
C THR B 176 -55.64 -21.77 2.41
N PRO B 177 -56.82 -21.37 2.93
CA PRO B 177 -58.04 -21.78 2.20
C PRO B 177 -58.21 -21.08 0.84
N THR B 178 -58.89 -21.79 -0.07
CA THR B 178 -59.23 -21.27 -1.39
C THR B 178 -60.77 -21.41 -1.58
N LYS B 179 -61.30 -20.86 -2.67
CA LYS B 179 -62.68 -21.11 -3.07
C LYS B 179 -63.09 -22.62 -3.12
N LYS B 180 -62.13 -23.51 -3.40
CA LYS B 180 -62.48 -24.93 -3.53
C LYS B 180 -62.47 -25.70 -2.20
N THR B 181 -62.02 -25.05 -1.13
CA THR B 181 -61.83 -25.65 0.19
C THR B 181 -63.15 -25.98 0.89
N ASP B 182 -63.21 -27.20 1.44
CA ASP B 182 -64.37 -27.69 2.21
C ASP B 182 -64.39 -26.96 3.54
N LYS B 183 -65.46 -26.24 3.83
CA LYS B 183 -65.54 -25.43 5.05
C LYS B 183 -65.43 -26.26 6.32
N LYS B 184 -66.09 -27.40 6.37
CA LYS B 184 -66.00 -28.23 7.55
C LYS B 184 -64.59 -28.78 7.80
N ARG B 185 -63.87 -29.13 6.73
CA ARG B 185 -62.52 -29.68 6.88
C ARG B 185 -61.56 -28.58 7.44
N LEU B 186 -61.76 -27.36 6.97
CA LEU B 186 -61.00 -26.21 7.43
C LEU B 186 -61.22 -26.03 8.91
N LYS B 187 -62.49 -26.03 9.29
CA LYS B 187 -62.89 -25.94 10.69
C LYS B 187 -62.18 -27.00 11.53
N LEU B 188 -62.19 -28.25 11.07
CA LEU B 188 -61.57 -29.33 11.82
C LEU B 188 -60.06 -29.06 11.93
N VAL B 189 -59.41 -28.78 10.79
CA VAL B 189 -57.97 -28.51 10.76
C VAL B 189 -57.55 -27.37 11.70
N LYS B 190 -58.28 -26.25 11.62
CA LYS B 190 -58.07 -25.08 12.46
C LYS B 190 -58.17 -25.46 13.93
N ARG B 191 -59.20 -26.23 14.25
CA ARG B 191 -59.41 -26.72 15.63
C ARG B 191 -58.29 -27.60 16.18
N VAL B 192 -57.80 -28.53 15.35
CA VAL B 192 -56.75 -29.44 15.74
C VAL B 192 -55.51 -28.65 16.10
N TRP B 193 -55.15 -27.68 15.23
CA TRP B 193 -54.01 -26.79 15.47
C TRP B 193 -54.17 -25.98 16.73
N GLU B 194 -55.41 -25.55 16.98
CA GLU B 194 -55.71 -24.80 18.20
C GLU B 194 -55.65 -25.74 19.42
N ASP B 195 -56.07 -27.00 19.21
CA ASP B 195 -55.88 -28.07 20.21
C ASP B 195 -54.43 -28.22 20.64
N VAL B 196 -53.49 -28.17 19.70
CA VAL B 196 -52.10 -28.37 20.10
C VAL B 196 -51.34 -27.08 20.43
N GLY B 197 -52.05 -25.95 20.52
CA GLY B 197 -51.47 -24.69 21.02
C GLY B 197 -51.24 -23.57 20.01
N GLY B 198 -51.48 -23.89 18.75
CA GLY B 198 -51.18 -23.01 17.63
C GLY B 198 -52.20 -21.90 17.44
N VAL B 199 -51.76 -20.77 16.87
CA VAL B 199 -52.61 -19.58 16.72
C VAL B 199 -52.87 -19.43 15.22
N VAL B 200 -54.07 -19.79 14.78
CA VAL B 200 -54.39 -19.81 13.35
C VAL B 200 -54.73 -18.47 12.65
N GLU B 201 -54.13 -18.25 11.48
CA GLU B 201 -54.49 -17.14 10.56
C GLU B 201 -54.51 -17.61 9.10
N TYR B 202 -55.16 -16.80 8.25
CA TYR B 202 -55.29 -17.17 6.84
C TYR B 202 -54.49 -16.28 5.88
N MET B 203 -53.98 -16.94 4.85
CA MET B 203 -53.38 -16.26 3.72
C MET B 203 -53.74 -17.11 2.50
N SER B 204 -53.80 -16.48 1.36
CA SER B 204 -53.99 -17.17 0.13
C SER B 204 -52.66 -17.94 -0.10
N PRO B 205 -52.74 -19.04 -0.86
CA PRO B 205 -51.55 -19.81 -1.21
C PRO B 205 -50.41 -18.92 -1.75
N GLU B 206 -50.78 -17.93 -2.58
CA GLU B 206 -49.79 -17.09 -3.26
C GLU B 206 -49.16 -16.05 -2.32
N LEU B 207 -49.97 -15.45 -1.47
CA LEU B 207 -49.42 -14.49 -0.54
C LEU B 207 -48.50 -15.18 0.43
N HIS B 208 -48.92 -16.34 0.89
CA HIS B 208 -48.07 -17.13 1.80
C HIS B 208 -46.67 -17.27 1.22
N ASP B 209 -46.61 -17.53 -0.07
CA ASP B 209 -45.34 -17.90 -0.64
C ASP B 209 -44.46 -16.71 -0.82
N TYR B 210 -45.09 -15.55 -1.02
CA TYR B 210 -44.36 -14.32 -1.08
C TYR B 210 -43.84 -14.02 0.34
N VAL B 211 -44.75 -13.97 1.34
CA VAL B 211 -44.32 -13.49 2.70
C VAL B 211 -43.16 -14.37 3.24
N PHE B 212 -43.36 -15.66 3.27
CA PHE B 212 -42.31 -16.57 3.76
C PHE B 212 -41.13 -16.72 2.86
N GLY B 213 -41.30 -16.43 1.59
CA GLY B 213 -40.15 -16.28 0.71
C GLY B 213 -39.23 -15.21 1.23
N VAL B 214 -39.79 -14.05 1.67
CA VAL B 214 -38.94 -12.95 2.22
C VAL B 214 -38.49 -13.18 3.65
N VAL B 215 -39.38 -13.59 4.56
CA VAL B 215 -39.00 -13.59 5.98
C VAL B 215 -38.45 -14.86 6.44
N SER B 216 -38.54 -15.89 5.59
CA SER B 216 -38.10 -17.20 6.03
C SER B 216 -37.13 -17.78 5.00
N HIS B 217 -37.53 -17.87 3.74
CA HIS B 217 -36.66 -18.53 2.78
C HIS B 217 -35.38 -17.79 2.48
N LEU B 218 -35.51 -16.46 2.34
CA LEU B 218 -34.33 -15.60 2.09
C LEU B 218 -33.29 -15.62 3.23
N PRO B 219 -33.75 -15.44 4.48
CA PRO B 219 -32.82 -15.54 5.61
C PRO B 219 -32.07 -16.91 5.67
N HIS B 220 -32.75 -18.03 5.35
CA HIS B 220 -32.03 -19.30 5.30
C HIS B 220 -31.02 -19.28 4.17
N ALA B 221 -31.42 -18.80 2.99
CA ALA B 221 -30.49 -18.66 1.88
C ALA B 221 -29.27 -17.80 2.21
N VAL B 222 -29.48 -16.70 2.94
CA VAL B 222 -28.38 -15.84 3.42
C VAL B 222 -27.48 -16.55 4.43
N ALA B 223 -28.07 -17.20 5.40
CA ALA B 223 -27.28 -17.95 6.37
C ALA B 223 -26.43 -19.03 5.68
N PHE B 224 -27.02 -19.77 4.73
CA PHE B 224 -26.21 -20.86 4.03
C PHE B 224 -25.04 -20.22 3.34
N ALA B 225 -25.33 -19.16 2.60
CA ALA B 225 -24.30 -18.45 1.83
C ALA B 225 -23.21 -17.84 2.68
N LEU B 226 -23.56 -17.32 3.86
CA LEU B 226 -22.56 -16.81 4.85
C LEU B 226 -21.55 -17.90 5.26
N VAL B 227 -22.06 -19.07 5.66
CA VAL B 227 -21.14 -20.20 5.93
C VAL B 227 -20.31 -20.50 4.71
N ASP B 228 -20.95 -20.64 3.55
CA ASP B 228 -20.18 -21.04 2.33
C ASP B 228 -19.14 -19.99 2.02
N THR B 229 -19.40 -18.73 2.39
CA THR B 229 -18.37 -17.70 2.22
C THR B 229 -17.05 -18.06 2.94
N LEU B 230 -17.13 -18.47 4.21
CA LEU B 230 -15.90 -18.65 5.00
C LEU B 230 -15.14 -19.84 4.48
N ILE B 231 -15.86 -20.76 3.83
CA ILE B 231 -15.21 -21.86 3.12
C ILE B 231 -14.26 -21.34 2.04
N HIS B 232 -14.73 -20.50 1.12
CA HIS B 232 -13.91 -20.19 -0.06
C HIS B 232 -12.91 -19.06 0.13
N MET B 233 -13.10 -18.27 1.18
CA MET B 233 -12.19 -17.18 1.57
C MET B 233 -11.19 -17.70 2.60
N SER B 234 -11.37 -18.96 2.97
CA SER B 234 -10.33 -19.67 3.65
C SER B 234 -9.29 -20.13 2.63
N THR B 235 -8.08 -20.34 3.12
CA THR B 235 -7.00 -20.98 2.38
C THR B 235 -6.41 -22.08 3.28
N PRO B 236 -5.34 -22.79 2.81
CA PRO B 236 -4.63 -23.70 3.73
C PRO B 236 -3.89 -23.00 4.89
N GLU B 237 -3.45 -21.74 4.69
CA GLU B 237 -2.82 -20.93 5.74
C GLU B 237 -3.79 -20.50 6.85
N VAL B 238 -4.99 -20.03 6.45
CA VAL B 238 -5.88 -19.23 7.29
C VAL B 238 -7.30 -19.79 7.31
N ASP B 239 -7.65 -20.48 8.39
CA ASP B 239 -8.95 -21.13 8.52
C ASP B 239 -9.89 -20.25 9.31
N LEU B 240 -10.75 -19.58 8.58
CA LEU B 240 -11.63 -18.58 9.13
C LEU B 240 -12.60 -19.16 10.18
N PHE B 241 -12.89 -20.46 10.09
CA PHE B 241 -13.81 -21.11 11.02
C PHE B 241 -13.15 -21.22 12.40
N LYS B 242 -11.87 -20.87 12.49
CA LYS B 242 -11.24 -20.76 13.78
C LYS B 242 -11.82 -19.59 14.55
N TYR B 243 -12.37 -18.60 13.83
CA TYR B 243 -12.70 -17.29 14.37
C TYR B 243 -14.17 -16.95 14.28
N PRO B 244 -15.03 -17.77 14.90
CA PRO B 244 -16.44 -17.55 14.78
C PRO B 244 -16.96 -16.72 15.95
N GLY B 245 -18.23 -16.44 16.00
CA GLY B 245 -18.63 -15.57 17.11
C GLY B 245 -17.78 -14.31 17.23
N GLY B 246 -17.50 -13.70 16.09
CA GLY B 246 -17.34 -12.26 15.99
C GLY B 246 -18.70 -11.80 15.47
N GLY B 247 -19.63 -12.75 15.38
CA GLY B 247 -21.02 -12.53 14.87
C GLY B 247 -21.53 -13.72 14.04
N PHE B 248 -20.58 -14.40 13.40
CA PHE B 248 -20.88 -15.46 12.48
C PHE B 248 -21.75 -16.59 13.11
N LYS B 249 -21.58 -16.83 14.41
CA LYS B 249 -22.25 -17.92 15.04
C LYS B 249 -23.74 -17.73 15.25
N ASP B 250 -24.14 -16.63 15.88
CA ASP B 250 -25.63 -16.54 16.14
C ASP B 250 -26.40 -16.23 14.86
N PHE B 251 -25.71 -15.62 13.91
CA PHE B 251 -26.36 -15.42 12.61
C PHE B 251 -26.55 -16.66 11.74
N THR B 252 -25.85 -17.77 12.05
CA THR B 252 -25.88 -18.91 11.12
C THR B 252 -26.37 -20.24 11.69
N ARG B 253 -27.07 -20.22 12.84
CA ARG B 253 -27.68 -21.43 13.40
C ARG B 253 -28.44 -22.13 12.28
N ILE B 254 -29.18 -21.35 11.50
CA ILE B 254 -30.15 -21.99 10.58
C ILE B 254 -29.46 -22.64 9.36
N ALA B 255 -28.16 -22.46 9.25
CA ALA B 255 -27.39 -23.08 8.18
C ALA B 255 -27.12 -24.56 8.55
N LYS B 256 -27.60 -25.05 9.72
CA LYS B 256 -27.55 -26.48 10.12
C LYS B 256 -28.91 -27.16 9.88
N SER B 257 -29.79 -26.46 9.19
CA SER B 257 -31.09 -26.96 8.83
C SER B 257 -30.97 -28.07 7.81
N ASP B 258 -32.04 -28.84 7.62
CA ASP B 258 -31.91 -30.08 6.83
C ASP B 258 -31.78 -29.79 5.32
N PRO B 259 -30.73 -30.33 4.67
CA PRO B 259 -30.50 -30.10 3.25
C PRO B 259 -31.62 -30.53 2.31
N ILE B 260 -32.23 -31.70 2.54
CA ILE B 260 -33.32 -32.17 1.70
C ILE B 260 -34.49 -31.20 1.85
N MET B 261 -34.84 -30.91 3.11
CA MET B 261 -35.94 -30.04 3.39
C MET B 261 -35.72 -28.72 2.62
N TRP B 262 -34.60 -28.06 2.85
CA TRP B 262 -34.30 -26.79 2.20
C TRP B 262 -34.06 -26.87 0.66
N ARG B 263 -33.52 -27.96 0.16
CA ARG B 263 -33.48 -28.17 -1.28
C ARG B 263 -34.93 -28.12 -1.81
N ASP B 264 -35.85 -28.80 -1.14
CA ASP B 264 -37.20 -28.86 -1.69
C ASP B 264 -37.88 -27.50 -1.68
N ILE B 265 -37.70 -26.76 -0.56
CA ILE B 265 -38.34 -25.42 -0.37
C ILE B 265 -37.82 -24.44 -1.41
N PHE B 266 -36.51 -24.33 -1.53
CA PHE B 266 -35.91 -23.48 -2.54
C PHE B 266 -36.45 -23.74 -3.94
N LEU B 267 -36.55 -25.01 -4.33
CA LEU B 267 -37.02 -25.29 -5.69
C LEU B 267 -38.54 -25.09 -5.83
N GLU B 268 -39.28 -25.55 -4.84
CA GLU B 268 -40.73 -25.45 -4.88
C GLU B 268 -41.21 -23.96 -4.83
N ASN B 269 -40.47 -23.09 -4.14
CA ASN B 269 -40.89 -21.66 -4.02
C ASN B 269 -39.89 -20.82 -4.83
N LYS B 270 -39.33 -21.42 -5.86
CA LYS B 270 -38.13 -20.88 -6.54
C LYS B 270 -38.25 -19.45 -7.05
N GLU B 271 -39.39 -19.14 -7.64
CA GLU B 271 -39.72 -17.77 -8.08
C GLU B 271 -39.81 -16.73 -6.93
N ASN B 272 -40.55 -17.01 -5.86
CA ASN B 272 -40.51 -16.09 -4.69
C ASN B 272 -39.16 -15.95 -4.01
N VAL B 273 -38.42 -17.06 -3.93
CA VAL B 273 -37.10 -17.06 -3.37
C VAL B 273 -36.20 -16.17 -4.23
N MET B 274 -36.26 -16.32 -5.53
CA MET B 274 -35.41 -15.51 -6.41
C MET B 274 -35.79 -14.01 -6.35
N LYS B 275 -37.08 -13.76 -6.31
CA LYS B 275 -37.61 -12.42 -6.04
C LYS B 275 -37.13 -11.86 -4.70
N ALA B 276 -37.19 -12.65 -3.63
CA ALA B 276 -36.77 -12.13 -2.35
C ALA B 276 -35.25 -11.86 -2.28
N ILE B 277 -34.47 -12.70 -2.94
CA ILE B 277 -33.01 -12.58 -3.01
C ILE B 277 -32.62 -11.34 -3.87
N GLU B 278 -33.37 -11.15 -4.95
CA GLU B 278 -33.30 -9.89 -5.76
C GLU B 278 -33.55 -8.59 -4.92
N GLY B 279 -34.62 -8.58 -4.13
CA GLY B 279 -34.87 -7.46 -3.19
C GLY B 279 -33.68 -7.23 -2.23
N PHE B 280 -33.19 -8.33 -1.64
CA PHE B 280 -32.01 -8.30 -0.73
C PHE B 280 -30.79 -7.77 -1.38
N GLU B 281 -30.56 -8.20 -2.63
CA GLU B 281 -29.46 -7.68 -3.41
C GLU B 281 -29.54 -6.18 -3.56
N LYS B 282 -30.75 -5.63 -3.76
CA LYS B 282 -30.84 -4.16 -3.93
C LYS B 282 -30.51 -3.54 -2.57
N SER B 283 -30.97 -4.17 -1.51
CA SER B 283 -30.61 -3.68 -0.20
C SER B 283 -29.11 -3.71 0.12
N LEU B 284 -28.47 -4.86 -0.16
CA LEU B 284 -27.00 -4.97 -0.05
C LEU B 284 -26.17 -4.02 -0.98
N ASN B 285 -26.53 -3.95 -2.26
CA ASN B 285 -25.98 -2.98 -3.19
C ASN B 285 -26.07 -1.55 -2.69
N HIS B 286 -27.19 -1.21 -2.05
CA HIS B 286 -27.36 0.13 -1.52
C HIS B 286 -26.39 0.37 -0.34
N LEU B 287 -26.27 -0.62 0.54
CA LEU B 287 -25.35 -0.50 1.67
C LEU B 287 -23.91 -0.37 1.18
N LYS B 288 -23.54 -1.21 0.21
CA LYS B 288 -22.23 -1.08 -0.47
C LYS B 288 -21.93 0.33 -0.92
N GLU B 289 -22.91 0.91 -1.61
CA GLU B 289 -22.74 2.26 -2.19
C GLU B 289 -22.46 3.26 -1.07
N LEU B 290 -23.25 3.19 -0.01
CA LEU B 290 -23.06 4.01 1.17
C LEU B 290 -21.66 3.90 1.73
N ILE B 291 -21.13 2.69 1.80
CA ILE B 291 -19.80 2.48 2.30
C ILE B 291 -18.74 2.98 1.29
N VAL B 292 -18.72 2.31 0.12
CA VAL B 292 -17.81 2.61 -0.99
C VAL B 292 -17.63 4.11 -1.17
N ARG B 293 -18.72 4.84 -0.98
CA ARG B 293 -18.71 6.28 -1.27
C ARG B 293 -18.65 7.14 0.01
N GLU B 294 -18.55 6.49 1.16
CA GLU B 294 -18.32 7.15 2.46
C GLU B 294 -19.37 8.20 2.85
N ALA B 295 -20.64 7.86 2.57
CA ALA B 295 -21.78 8.74 2.86
C ALA B 295 -22.10 8.57 4.33
N GLU B 296 -21.51 9.43 5.17
CA GLU B 296 -21.45 9.20 6.62
C GLU B 296 -22.83 9.18 7.24
N GLU B 297 -23.57 10.23 6.96
CA GLU B 297 -24.86 10.45 7.55
C GLU B 297 -25.94 9.49 7.02
N GLU B 298 -25.96 9.26 5.71
CA GLU B 298 -26.86 8.31 5.10
C GLU B 298 -26.48 6.93 5.62
N LEU B 299 -25.20 6.67 5.85
CA LEU B 299 -24.79 5.33 6.31
C LEU B 299 -25.36 5.03 7.69
N VAL B 300 -25.16 5.89 8.70
CA VAL B 300 -25.78 5.66 10.02
C VAL B 300 -27.28 5.52 9.97
N GLU B 301 -27.91 6.35 9.15
CA GLU B 301 -29.36 6.25 9.04
C GLU B 301 -29.87 4.89 8.50
N TYR B 302 -29.16 4.31 7.54
CA TYR B 302 -29.46 2.98 7.05
C TYR B 302 -29.23 1.99 8.20
N LEU B 303 -28.16 2.19 8.98
CA LEU B 303 -27.90 1.26 10.10
C LEU B 303 -28.91 1.40 11.24
N LYS B 304 -29.39 2.63 11.43
CA LYS B 304 -30.43 2.93 12.44
C LYS B 304 -31.79 2.24 12.22
N GLU B 305 -32.05 1.75 11.00
CA GLU B 305 -33.26 0.92 10.73
C GLU B 305 -33.46 -0.31 11.65
N VAL B 306 -32.35 -0.84 12.19
CA VAL B 306 -32.43 -1.97 13.12
C VAL B 306 -33.16 -1.60 14.41
N LYS B 307 -33.34 -0.30 14.61
CA LYS B 307 -33.99 0.24 15.81
C LYS B 307 -35.52 0.29 15.70
N ILE B 308 -36.07 -0.02 14.53
CA ILE B 308 -37.53 0.13 14.24
C ILE B 308 -38.36 -0.68 15.21
N LYS B 309 -39.36 0.00 15.77
CA LYS B 309 -40.36 -0.56 16.67
C LYS B 309 -41.02 -1.79 16.10
N ARG B 310 -41.32 -1.76 14.80
CA ARG B 310 -41.92 -2.92 14.11
C ARG B 310 -41.26 -4.28 14.48
N MET B 311 -39.93 -4.25 14.72
CA MET B 311 -39.10 -5.45 14.95
C MET B 311 -38.93 -5.85 16.44
N GLU B 312 -39.26 -4.96 17.38
CA GLU B 312 -39.11 -5.33 18.80
C GLU B 312 -40.09 -6.46 19.21
N LEU C 28 -13.74 19.39 -32.39
CA LEU C 28 -13.38 19.90 -31.04
C LEU C 28 -13.54 18.85 -29.92
N LYS C 29 -12.38 18.30 -29.53
CA LYS C 29 -12.28 17.38 -28.41
C LYS C 29 -11.79 18.13 -27.15
N SER C 30 -12.23 19.38 -27.06
CA SER C 30 -12.31 20.10 -25.80
C SER C 30 -13.29 19.27 -24.98
N LEU C 31 -14.18 18.58 -25.68
CA LEU C 31 -15.15 17.66 -25.10
C LEU C 31 -14.48 16.43 -24.51
N SER C 32 -13.32 16.07 -25.03
CA SER C 32 -12.66 14.84 -24.66
C SER C 32 -11.88 14.97 -23.35
N MET C 33 -11.69 16.20 -22.87
CA MET C 33 -10.98 16.49 -21.62
C MET C 33 -11.41 17.86 -21.09
N GLN C 34 -12.18 17.87 -20.00
CA GLN C 34 -12.77 19.11 -19.47
C GLN C 34 -12.24 19.50 -18.09
N ASN C 35 -12.19 18.54 -17.15
CA ASN C 35 -11.72 18.76 -15.78
C ASN C 35 -10.48 17.89 -15.45
N VAL C 36 -9.35 18.55 -15.28
CA VAL C 36 -8.09 17.86 -15.07
C VAL C 36 -7.79 17.97 -13.58
N LEU C 37 -7.36 16.85 -13.00
CA LEU C 37 -6.89 16.82 -11.63
C LEU C 37 -5.43 16.48 -11.63
N ILE C 38 -4.67 17.37 -11.03
CA ILE C 38 -3.28 17.13 -10.76
C ILE C 38 -3.14 16.64 -9.32
N VAL C 39 -2.63 15.42 -9.19
CA VAL C 39 -2.43 14.83 -7.89
C VAL C 39 -0.95 14.99 -7.61
N GLY C 40 -0.62 15.70 -6.54
CA GLY C 40 0.78 16.02 -6.26
C GLY C 40 1.18 17.29 -7.00
N VAL C 41 0.91 18.45 -6.38
CA VAL C 41 1.09 19.74 -7.07
C VAL C 41 2.48 20.28 -6.76
N GLY C 42 3.49 19.60 -7.30
CA GLY C 42 4.88 19.91 -7.06
C GLY C 42 5.57 20.34 -8.33
N PHE C 43 6.87 20.05 -8.47
CA PHE C 43 7.61 20.49 -9.65
C PHE C 43 6.99 19.89 -10.92
N MET C 44 6.75 18.57 -10.90
CA MET C 44 6.32 17.93 -12.11
C MET C 44 4.83 18.11 -12.34
N GLY C 45 4.06 17.97 -11.27
CA GLY C 45 2.60 18.15 -11.42
C GLY C 45 2.28 19.58 -11.86
N GLY C 46 3.04 20.56 -11.36
CA GLY C 46 2.80 21.93 -11.77
C GLY C 46 3.36 22.22 -13.17
N SER C 47 4.44 21.51 -13.59
CA SER C 47 4.93 21.69 -14.94
C SER C 47 3.92 21.13 -15.91
N PHE C 48 3.29 20.00 -15.57
CA PHE C 48 2.23 19.46 -16.42
C PHE C 48 1.02 20.45 -16.56
N ALA C 49 0.52 20.89 -15.43
CA ALA C 49 -0.55 21.92 -15.38
C ALA C 49 -0.23 23.09 -16.25
N LYS C 50 1.00 23.59 -16.09
CA LYS C 50 1.51 24.75 -16.85
C LYS C 50 1.63 24.54 -18.34
N SER C 51 2.15 23.38 -18.75
CA SER C 51 2.30 23.08 -20.17
C SER C 51 0.93 22.81 -20.79
N LEU C 52 0.04 22.11 -20.10
CA LEU C 52 -1.30 21.88 -20.60
C LEU C 52 -2.04 23.24 -20.88
N ARG C 53 -1.94 24.16 -19.95
CA ARG C 53 -2.59 25.45 -20.14
C ARG C 53 -1.97 26.18 -21.33
N ARG C 54 -0.64 26.19 -21.38
CA ARG C 54 0.05 26.90 -22.41
C ARG C 54 -0.23 26.27 -23.77
N SER C 55 -0.43 24.94 -23.82
CA SER C 55 -0.76 24.30 -25.08
C SER C 55 -2.17 24.70 -25.58
N GLY C 56 -2.92 25.47 -24.78
CA GLY C 56 -4.22 25.98 -25.24
C GLY C 56 -5.42 25.26 -24.63
N PHE C 57 -5.20 24.50 -23.57
CA PHE C 57 -6.32 23.86 -22.88
C PHE C 57 -7.12 24.95 -22.13
N LYS C 58 -8.44 24.87 -22.25
CA LYS C 58 -9.35 25.90 -21.75
C LYS C 58 -10.19 25.30 -20.63
N GLY C 59 -10.03 24.02 -20.36
CA GLY C 59 -10.78 23.43 -19.26
C GLY C 59 -10.32 23.82 -17.86
N LYS C 60 -10.90 23.15 -16.86
CA LYS C 60 -10.49 23.33 -15.50
C LYS C 60 -9.29 22.47 -15.12
N ILE C 61 -8.41 23.06 -14.30
CA ILE C 61 -7.29 22.33 -13.75
C ILE C 61 -7.37 22.40 -12.23
N TYR C 62 -7.55 21.24 -11.61
CA TYR C 62 -7.68 21.20 -10.19
C TYR C 62 -6.46 20.54 -9.57
N GLY C 63 -6.26 20.80 -8.29
CA GLY C 63 -5.10 20.25 -7.59
C GLY C 63 -5.47 19.46 -6.37
N TYR C 64 -4.85 18.30 -6.18
CA TYR C 64 -4.95 17.60 -4.90
C TYR C 64 -3.56 17.37 -4.30
N ASP C 65 -3.38 17.71 -3.02
CA ASP C 65 -2.06 17.58 -2.37
C ASP C 65 -2.26 17.54 -0.85
N ILE C 66 -1.37 16.86 -0.13
CA ILE C 66 -1.49 16.82 1.36
C ILE C 66 -0.97 18.13 1.94
N ASN C 67 -0.14 18.83 1.18
CA ASN C 67 0.39 20.10 1.64
C ASN C 67 -0.45 21.29 1.16
N PRO C 68 -1.09 22.00 2.11
CA PRO C 68 -2.01 23.08 1.77
C PRO C 68 -1.22 24.15 1.08
N GLU C 69 0.08 24.24 1.41
CA GLU C 69 0.95 25.22 0.80
C GLU C 69 1.20 24.98 -0.66
N SER C 70 1.28 23.70 -1.06
CA SER C 70 1.35 23.35 -2.46
C SER C 70 0.14 23.87 -3.24
N ILE C 71 -1.03 23.63 -2.70
CA ILE C 71 -2.30 24.13 -3.24
C ILE C 71 -2.36 25.67 -3.35
N SER C 72 -2.10 26.37 -2.23
CA SER C 72 -2.24 27.84 -2.24
C SER C 72 -1.16 28.54 -3.10
N LYS C 73 0.06 28.04 -3.07
CA LYS C 73 1.08 28.54 -4.00
C LYS C 73 0.68 28.32 -5.47
N ALA C 74 0.18 27.12 -5.79
CA ALA C 74 -0.28 26.85 -7.17
C ALA C 74 -1.43 27.79 -7.59
N VAL C 75 -2.40 28.01 -6.71
CA VAL C 75 -3.48 28.96 -7.00
C VAL C 75 -2.86 30.36 -7.25
N ASP C 76 -2.13 30.91 -6.28
CA ASP C 76 -1.46 32.23 -6.39
C ASP C 76 -0.65 32.43 -7.68
N LEU C 77 -0.12 31.35 -8.27
CA LEU C 77 0.76 31.41 -9.44
C LEU C 77 0.02 31.12 -10.74
N GLY C 78 -1.26 30.83 -10.63
CA GLY C 78 -2.16 30.63 -11.78
C GLY C 78 -1.94 29.28 -12.40
N ILE C 79 -1.42 28.37 -11.58
CA ILE C 79 -1.11 27.01 -12.02
C ILE C 79 -2.33 26.11 -12.02
N ILE C 80 -3.15 26.26 -10.99
CA ILE C 80 -4.40 25.48 -10.89
C ILE C 80 -5.47 26.52 -10.63
N ASP C 81 -6.72 26.20 -10.98
CA ASP C 81 -7.85 27.13 -10.73
C ASP C 81 -8.27 27.07 -9.29
N GLU C 82 -8.25 25.86 -8.74
CA GLU C 82 -8.42 25.64 -7.27
C GLU C 82 -8.02 24.24 -6.91
N GLY C 83 -7.83 23.98 -5.64
CA GLY C 83 -7.44 22.64 -5.22
C GLY C 83 -7.75 22.47 -3.76
N THR C 84 -7.32 21.32 -3.25
CA THR C 84 -7.79 20.91 -1.89
C THR C 84 -6.77 19.95 -1.29
N THR C 85 -6.77 19.83 0.01
CA THR C 85 -5.93 18.85 0.71
C THR C 85 -6.78 17.66 1.22
N SER C 86 -8.06 17.59 0.84
CA SER C 86 -8.98 16.55 1.30
C SER C 86 -9.48 15.78 0.12
N ILE C 87 -9.18 14.49 0.10
CA ILE C 87 -9.39 13.61 -1.05
C ILE C 87 -10.89 13.47 -1.35
N ALA C 88 -11.72 13.54 -0.31
CA ALA C 88 -13.16 13.51 -0.51
C ALA C 88 -13.62 14.64 -1.44
N LYS C 89 -13.05 15.82 -1.28
CA LYS C 89 -13.49 17.01 -2.00
C LYS C 89 -13.24 16.93 -3.50
N VAL C 90 -12.37 16.02 -3.94
CA VAL C 90 -12.10 15.94 -5.34
C VAL C 90 -13.30 15.48 -6.16
N GLU C 91 -14.27 14.83 -5.51
CA GLU C 91 -15.48 14.41 -6.25
C GLU C 91 -16.31 15.61 -6.73
N ASP C 92 -16.20 16.73 -6.02
CA ASP C 92 -16.86 17.99 -6.42
C ASP C 92 -16.24 18.58 -7.68
N PHE C 93 -14.94 18.28 -7.90
CA PHE C 93 -14.21 18.73 -9.05
C PHE C 93 -14.58 17.89 -10.34
N SER C 94 -15.28 16.76 -10.19
CA SER C 94 -15.62 15.82 -11.29
C SER C 94 -14.51 15.55 -12.35
N PRO C 95 -13.36 15.00 -11.90
CA PRO C 95 -12.25 14.96 -12.84
C PRO C 95 -12.45 13.89 -13.92
N ASP C 96 -12.18 14.24 -15.17
CA ASP C 96 -12.18 13.25 -16.23
C ASP C 96 -10.77 12.84 -16.65
N PHE C 97 -9.75 13.51 -16.10
CA PHE C 97 -8.37 13.18 -16.47
C PHE C 97 -7.53 13.56 -15.27
N VAL C 98 -6.79 12.55 -14.83
CA VAL C 98 -6.04 12.64 -13.60
C VAL C 98 -4.57 12.33 -13.89
N MET C 99 -3.70 13.30 -13.59
CA MET C 99 -2.27 13.05 -13.73
C MET C 99 -1.61 12.81 -12.39
N LEU C 100 -1.23 11.57 -12.10
CA LEU C 100 -0.56 11.25 -10.86
C LEU C 100 0.88 11.80 -10.84
N SER C 101 1.18 12.69 -9.91
CA SER C 101 2.43 13.42 -9.90
C SER C 101 3.01 13.59 -8.47
N SER C 102 2.59 12.74 -7.54
CA SER C 102 3.11 12.77 -6.19
C SER C 102 4.25 11.72 -6.16
N PRO C 103 4.98 11.57 -5.04
CA PRO C 103 5.97 10.46 -4.99
C PRO C 103 5.36 9.09 -5.30
N VAL C 104 6.12 8.29 -6.02
CA VAL C 104 5.70 7.04 -6.59
C VAL C 104 5.03 6.03 -5.64
N ARG C 105 5.44 5.96 -4.37
CA ARG C 105 4.86 4.98 -3.46
C ARG C 105 3.52 5.42 -2.89
N THR C 106 3.08 6.63 -3.21
CA THR C 106 1.77 7.10 -2.81
C THR C 106 0.65 6.73 -3.80
N PHE C 107 1.01 6.20 -4.99
CA PHE C 107 0.00 6.04 -6.04
C PHE C 107 -1.12 5.04 -5.68
N ARG C 108 -0.75 3.95 -5.03
CA ARG C 108 -1.66 2.84 -4.73
C ARG C 108 -2.82 3.27 -3.82
N GLU C 109 -2.52 3.75 -2.61
CA GLU C 109 -3.52 4.28 -1.66
C GLU C 109 -4.34 5.40 -2.31
N ILE C 110 -3.70 6.34 -2.99
CA ILE C 110 -4.46 7.40 -3.66
C ILE C 110 -5.45 6.84 -4.67
N ALA C 111 -4.97 5.90 -5.47
CA ALA C 111 -5.76 5.28 -6.53
C ALA C 111 -6.95 4.53 -5.99
N LYS C 112 -6.77 3.87 -4.85
CA LYS C 112 -7.87 3.21 -4.19
C LYS C 112 -9.01 4.18 -3.85
N LYS C 113 -8.65 5.36 -3.33
CA LYS C 113 -9.68 6.39 -3.02
C LYS C 113 -10.28 6.88 -4.34
N LEU C 114 -9.45 6.99 -5.39
CA LEU C 114 -9.93 7.51 -6.67
C LEU C 114 -10.90 6.59 -7.37
N SER C 115 -10.70 5.29 -7.20
CA SER C 115 -11.48 4.33 -7.93
C SER C 115 -13.02 4.50 -7.63
N TYR C 116 -13.37 5.04 -6.46
CA TYR C 116 -14.76 5.40 -6.11
C TYR C 116 -15.21 6.84 -6.44
N ILE C 117 -14.30 7.79 -6.35
CA ILE C 117 -14.61 9.18 -6.55
C ILE C 117 -14.81 9.49 -8.06
N LEU C 118 -13.98 8.84 -8.91
CA LEU C 118 -13.96 9.12 -10.33
C LEU C 118 -14.98 8.34 -11.12
N SER C 119 -15.56 9.03 -12.10
CA SER C 119 -16.47 8.46 -13.11
C SER C 119 -15.79 7.26 -13.78
N GLU C 120 -16.58 6.31 -14.29
CA GLU C 120 -16.09 5.12 -15.04
C GLU C 120 -15.40 5.53 -16.34
N ASP C 121 -15.67 6.75 -16.82
CA ASP C 121 -15.11 7.23 -18.08
C ASP C 121 -13.94 8.18 -17.87
N ALA C 122 -13.55 8.34 -16.61
CA ALA C 122 -12.34 9.10 -16.22
C ALA C 122 -11.12 8.32 -16.69
N THR C 123 -10.05 9.03 -17.05
CA THR C 123 -8.77 8.42 -17.40
C THR C 123 -7.76 8.83 -16.33
N VAL C 124 -6.91 7.89 -15.89
CA VAL C 124 -5.87 8.17 -14.91
C VAL C 124 -4.55 7.82 -15.51
N THR C 125 -3.62 8.77 -15.47
CA THR C 125 -2.28 8.50 -15.91
C THR C 125 -1.26 9.09 -14.95
N ASP C 126 0.04 8.96 -15.22
CA ASP C 126 0.99 9.39 -14.17
C ASP C 126 2.27 9.88 -14.80
N GLN C 127 3.10 10.48 -13.95
CA GLN C 127 4.43 10.85 -14.33
C GLN C 127 5.49 10.07 -13.55
N GLY C 128 5.12 9.04 -12.82
CA GLY C 128 6.10 8.42 -11.89
C GLY C 128 7.30 7.79 -12.61
N SER C 129 8.45 7.77 -11.92
CA SER C 129 9.74 7.43 -12.48
C SER C 129 9.96 5.91 -12.52
N VAL C 130 9.06 5.19 -11.89
CA VAL C 130 9.10 3.74 -11.88
C VAL C 130 7.76 3.25 -12.44
N LYS C 131 7.82 2.15 -13.18
CA LYS C 131 6.62 1.56 -13.73
C LYS C 131 6.47 0.11 -13.20
N GLY C 132 6.85 -0.93 -13.96
CA GLY C 132 6.88 -2.29 -13.43
C GLY C 132 5.58 -2.82 -12.87
N LYS C 133 5.68 -3.55 -11.76
CA LYS C 133 4.53 -4.04 -11.00
C LYS C 133 3.47 -2.97 -10.77
N LEU C 134 3.94 -1.79 -10.38
CA LEU C 134 3.04 -0.69 -10.04
C LEU C 134 1.99 -0.41 -11.13
N VAL C 135 2.39 -0.59 -12.40
CA VAL C 135 1.47 -0.44 -13.52
C VAL C 135 0.37 -1.50 -13.39
N TYR C 136 0.73 -2.75 -13.14
CA TYR C 136 -0.26 -3.80 -13.01
C TYR C 136 -1.16 -3.55 -11.81
N ASP C 137 -0.56 -3.13 -10.69
CA ASP C 137 -1.36 -2.84 -9.50
C ASP C 137 -2.41 -1.74 -9.76
N LEU C 138 -2.03 -0.72 -10.51
CA LEU C 138 -2.91 0.41 -10.74
C LEU C 138 -4.01 0.05 -11.74
N GLU C 139 -3.70 -0.79 -12.72
CA GLU C 139 -4.73 -1.44 -13.54
C GLU C 139 -5.69 -2.26 -12.68
N ASN C 140 -5.16 -3.00 -11.70
CA ASN C 140 -6.03 -3.79 -10.82
C ASN C 140 -6.91 -2.91 -9.91
N ILE C 141 -6.43 -1.73 -9.54
CA ILE C 141 -7.24 -0.85 -8.69
C ILE C 141 -8.18 -0.04 -9.53
N LEU C 142 -7.71 0.50 -10.65
CA LEU C 142 -8.47 1.49 -11.42
C LEU C 142 -9.21 0.95 -12.64
N GLY C 143 -9.00 -0.35 -12.93
CA GLY C 143 -9.57 -1.00 -14.10
C GLY C 143 -9.08 -0.36 -15.37
N LYS C 144 -9.99 -0.29 -16.34
CA LYS C 144 -9.72 0.24 -17.68
C LYS C 144 -9.27 1.71 -17.70
N ARG C 145 -9.48 2.43 -16.58
CA ARG C 145 -9.08 3.87 -16.43
C ARG C 145 -7.57 4.21 -16.59
N PHE C 146 -6.70 3.32 -16.17
CA PHE C 146 -5.32 3.67 -16.00
C PHE C 146 -4.45 3.44 -17.25
N VAL C 147 -3.62 4.44 -17.55
CA VAL C 147 -2.46 4.33 -18.50
C VAL C 147 -1.16 4.78 -17.83
N GLY C 148 -0.11 3.96 -17.90
CA GLY C 148 1.18 4.13 -17.30
C GLY C 148 2.04 5.08 -18.14
N GLY C 149 2.69 6.06 -17.49
CA GLY C 149 3.58 6.99 -18.20
C GLY C 149 4.77 7.55 -17.41
N HIS C 150 5.78 8.01 -18.12
CA HIS C 150 6.98 8.53 -17.45
C HIS C 150 7.70 9.53 -18.36
N PRO C 151 7.58 10.85 -18.06
CA PRO C 151 8.33 11.77 -18.93
C PRO C 151 9.78 11.85 -18.53
N ILE C 152 10.69 11.75 -19.49
CA ILE C 152 12.09 11.86 -19.17
C ILE C 152 12.48 13.32 -19.30
N ALA C 153 12.19 14.10 -18.26
CA ALA C 153 12.27 15.56 -18.36
C ALA C 153 12.54 16.17 -16.98
N GLY C 154 12.95 17.43 -16.93
CA GLY C 154 13.09 18.14 -15.63
C GLY C 154 14.46 17.98 -15.00
N THR C 155 14.57 18.28 -13.70
CA THR C 155 15.83 18.49 -13.09
C THR C 155 15.83 17.91 -11.66
N GLU C 156 16.80 18.33 -10.84
CA GLU C 156 16.77 17.93 -9.44
C GLU C 156 15.82 18.77 -8.62
N LYS C 157 15.24 19.83 -9.20
CA LYS C 157 14.42 20.76 -8.42
C LYS C 157 13.16 20.01 -7.95
N SER C 158 12.57 20.55 -6.89
CA SER C 158 11.34 20.08 -6.25
C SER C 158 10.53 21.31 -5.84
N GLY C 159 9.21 21.14 -5.73
CA GLY C 159 8.34 22.25 -5.35
C GLY C 159 7.73 22.91 -6.57
N VAL C 160 6.45 23.22 -6.45
CA VAL C 160 5.64 23.83 -7.53
C VAL C 160 6.21 25.20 -7.99
N GLU C 161 7.06 25.82 -7.17
CA GLU C 161 7.63 27.13 -7.55
C GLU C 161 8.65 26.99 -8.63
N TYR C 162 9.19 25.79 -8.79
CA TYR C 162 10.17 25.57 -9.82
C TYR C 162 9.59 25.02 -11.11
N SER C 163 8.28 24.86 -11.15
CA SER C 163 7.62 24.25 -12.30
C SER C 163 7.71 25.15 -13.56
N LEU C 164 7.78 24.52 -14.74
CA LEU C 164 7.99 25.28 -15.97
C LEU C 164 7.03 24.86 -17.04
N ASP C 165 6.70 25.82 -17.92
CA ASP C 165 5.62 25.61 -18.89
C ASP C 165 6.11 24.96 -20.20
N ASN C 166 7.43 24.70 -20.29
CA ASN C 166 8.07 24.11 -21.43
C ASN C 166 8.92 22.90 -21.04
N LEU C 167 8.67 22.31 -19.87
CA LEU C 167 9.46 21.22 -19.34
C LEU C 167 9.58 20.03 -20.31
N TYR C 168 8.48 19.72 -21.02
CA TYR C 168 8.43 18.53 -21.88
C TYR C 168 8.79 18.71 -23.32
N GLU C 169 9.01 19.94 -23.77
CA GLU C 169 9.34 20.18 -25.19
C GLU C 169 10.54 19.42 -25.71
N GLY C 170 10.31 18.46 -26.60
CA GLY C 170 11.40 17.72 -27.23
C GLY C 170 11.96 16.61 -26.35
N LYS C 171 11.29 16.33 -25.25
CA LYS C 171 11.71 15.29 -24.32
C LYS C 171 10.93 14.04 -24.59
N LYS C 172 11.60 12.91 -24.36
CA LYS C 172 10.97 11.62 -24.48
C LYS C 172 9.94 11.46 -23.43
N VAL C 173 8.82 10.86 -23.81
CA VAL C 173 7.86 10.40 -22.82
C VAL C 173 7.59 8.90 -23.07
N ILE C 174 7.78 8.07 -22.04
CA ILE C 174 7.53 6.65 -22.20
C ILE C 174 6.18 6.28 -21.64
N LEU C 175 5.31 5.70 -22.49
CA LEU C 175 4.10 5.09 -22.00
C LEU C 175 4.34 3.61 -21.98
N THR C 176 3.70 2.93 -21.05
CA THR C 176 3.88 1.50 -20.92
C THR C 176 2.55 0.75 -21.04
N PRO C 177 1.92 0.72 -22.21
CA PRO C 177 0.69 -0.05 -22.31
C PRO C 177 0.91 -1.58 -22.24
N THR C 178 -0.12 -2.28 -21.77
CA THR C 178 -0.16 -3.70 -21.58
C THR C 178 -1.38 -4.20 -22.34
N LYS C 179 -1.52 -5.51 -22.45
CA LYS C 179 -2.70 -6.16 -23.03
C LYS C 179 -3.98 -5.62 -22.39
N LYS C 180 -3.89 -5.19 -21.15
CA LYS C 180 -5.09 -4.69 -20.51
C LYS C 180 -5.50 -3.25 -20.84
N THR C 181 -4.59 -2.43 -21.36
CA THR C 181 -4.79 -0.97 -21.61
C THR C 181 -5.94 -0.69 -22.60
N ASP C 182 -6.84 0.22 -22.23
CA ASP C 182 -7.83 0.75 -23.13
C ASP C 182 -7.10 1.54 -24.20
N LYS C 183 -7.29 1.12 -25.44
CA LYS C 183 -6.64 1.70 -26.61
C LYS C 183 -7.09 3.13 -26.88
N LYS C 184 -8.32 3.48 -26.52
CA LYS C 184 -8.75 4.87 -26.68
C LYS C 184 -8.11 5.77 -25.64
N ARG C 185 -7.84 5.20 -24.48
CA ARG C 185 -7.15 5.96 -23.43
C ARG C 185 -5.67 6.11 -23.69
N LEU C 186 -5.03 5.11 -24.28
CA LEU C 186 -3.65 5.23 -24.70
C LEU C 186 -3.47 6.34 -25.73
N LYS C 187 -4.31 6.38 -26.75
CA LYS C 187 -4.31 7.44 -27.76
C LYS C 187 -4.50 8.85 -27.19
N LEU C 188 -5.45 9.00 -26.27
CA LEU C 188 -5.69 10.28 -25.58
C LEU C 188 -4.46 10.73 -24.78
N VAL C 189 -3.93 9.84 -23.94
CA VAL C 189 -2.79 10.17 -23.14
C VAL C 189 -1.62 10.51 -24.05
N LYS C 190 -1.47 9.72 -25.10
CA LYS C 190 -0.42 9.97 -26.05
C LYS C 190 -0.59 11.36 -26.63
N ARG C 191 -1.80 11.73 -27.06
CA ARG C 191 -1.92 13.03 -27.72
C ARG C 191 -1.65 14.20 -26.81
N VAL C 192 -2.02 14.02 -25.54
CA VAL C 192 -1.88 15.06 -24.56
C VAL C 192 -0.41 15.32 -24.30
N TRP C 193 0.38 14.24 -24.22
CA TRP C 193 1.82 14.40 -24.13
C TRP C 193 2.41 15.14 -25.34
N GLU C 194 1.87 14.84 -26.52
CA GLU C 194 2.27 15.52 -27.76
C GLU C 194 1.88 16.98 -27.79
N ASP C 195 0.69 17.28 -27.29
CA ASP C 195 0.23 18.67 -27.19
C ASP C 195 1.18 19.47 -26.33
N VAL C 196 1.85 18.82 -25.36
CA VAL C 196 2.81 19.58 -24.52
C VAL C 196 4.28 19.48 -24.96
N GLY C 197 4.55 18.95 -26.16
CA GLY C 197 5.90 18.94 -26.71
C GLY C 197 6.65 17.58 -26.62
N GLY C 198 6.04 16.63 -25.93
CA GLY C 198 6.66 15.33 -25.70
C GLY C 198 6.79 14.46 -26.93
N VAL C 199 7.79 13.58 -26.94
CA VAL C 199 7.96 12.64 -28.05
C VAL C 199 7.72 11.24 -27.49
N VAL C 200 6.64 10.58 -27.93
CA VAL C 200 6.14 9.41 -27.21
C VAL C 200 6.71 8.11 -27.75
N GLU C 201 7.15 7.23 -26.85
CA GLU C 201 7.52 5.89 -27.32
C GLU C 201 6.99 4.94 -26.25
N TYR C 202 6.93 3.65 -26.58
CA TYR C 202 6.30 2.66 -25.71
C TYR C 202 7.33 1.73 -25.20
N MET C 203 7.19 1.32 -23.95
CA MET C 203 8.04 0.23 -23.45
C MET C 203 7.16 -0.63 -22.61
N SER C 204 7.42 -1.93 -22.55
CA SER C 204 6.68 -2.72 -21.53
C SER C 204 7.07 -2.18 -20.15
N PRO C 205 6.19 -2.33 -19.16
CA PRO C 205 6.52 -1.96 -17.79
C PRO C 205 7.84 -2.52 -17.22
N GLU C 206 8.20 -3.75 -17.56
CA GLU C 206 9.41 -4.41 -17.07
C GLU C 206 10.69 -3.89 -17.80
N LEU C 207 10.64 -3.77 -19.12
CA LEU C 207 11.73 -3.14 -19.83
C LEU C 207 11.96 -1.70 -19.35
N HIS C 208 10.90 -0.92 -19.23
CA HIS C 208 11.10 0.45 -18.71
C HIS C 208 11.94 0.47 -17.46
N ASP C 209 11.53 -0.34 -16.50
CA ASP C 209 12.17 -0.33 -15.21
C ASP C 209 13.60 -0.81 -15.27
N TYR C 210 13.91 -1.72 -16.20
CA TYR C 210 15.30 -2.08 -16.46
C TYR C 210 16.07 -0.94 -17.08
N VAL C 211 15.51 -0.36 -18.14
CA VAL C 211 16.24 0.69 -18.82
C VAL C 211 16.59 1.83 -17.88
N PHE C 212 15.60 2.25 -17.08
CA PHE C 212 15.72 3.49 -16.29
C PHE C 212 16.33 3.17 -14.95
N GLY C 213 16.30 1.89 -14.57
CA GLY C 213 17.11 1.46 -13.42
C GLY C 213 18.58 1.76 -13.64
N VAL C 214 19.07 1.57 -14.88
CA VAL C 214 20.51 1.75 -15.12
C VAL C 214 20.91 3.12 -15.63
N VAL C 215 20.09 3.75 -16.48
CA VAL C 215 20.49 5.04 -17.01
C VAL C 215 20.02 6.23 -16.14
N SER C 216 19.23 5.93 -15.09
CA SER C 216 18.67 7.01 -14.32
C SER C 216 18.84 6.75 -12.81
N HIS C 217 18.30 5.66 -12.34
CA HIS C 217 18.27 5.41 -10.92
C HIS C 217 19.68 5.10 -10.43
N LEU C 218 20.43 4.28 -11.20
CA LEU C 218 21.84 4.04 -10.93
C LEU C 218 22.67 5.35 -10.78
N PRO C 219 22.75 6.17 -11.83
CA PRO C 219 23.54 7.41 -11.74
C PRO C 219 23.11 8.29 -10.52
N HIS C 220 21.83 8.26 -10.13
CA HIS C 220 21.44 8.99 -8.91
C HIS C 220 22.06 8.36 -7.66
N ALA C 221 21.93 7.02 -7.52
CA ALA C 221 22.53 6.35 -6.37
C ALA C 221 24.03 6.69 -6.27
N VAL C 222 24.68 6.73 -7.40
CA VAL C 222 26.12 6.88 -7.46
C VAL C 222 26.53 8.34 -7.12
N ALA C 223 25.74 9.29 -7.59
CA ALA C 223 25.93 10.69 -7.19
C ALA C 223 25.67 10.84 -5.68
N PHE C 224 24.60 10.28 -5.15
CA PHE C 224 24.36 10.43 -3.72
C PHE C 224 25.53 9.80 -2.94
N ALA C 225 26.04 8.70 -3.44
CA ALA C 225 27.07 7.96 -2.70
C ALA C 225 28.44 8.65 -2.81
N LEU C 226 28.69 9.31 -3.94
CA LEU C 226 29.82 10.27 -4.15
C LEU C 226 29.89 11.39 -3.07
N VAL C 227 28.75 11.98 -2.75
CA VAL C 227 28.68 13.08 -1.75
C VAL C 227 28.82 12.51 -0.39
N ASP C 228 28.14 11.39 -0.15
CA ASP C 228 28.34 10.74 1.12
C ASP C 228 29.81 10.41 1.41
N THR C 229 30.56 10.02 0.37
CA THR C 229 32.01 9.79 0.52
C THR C 229 32.83 11.00 0.99
N LEU C 230 32.49 12.18 0.44
CA LEU C 230 33.20 13.39 0.89
C LEU C 230 32.96 13.64 2.35
N ILE C 231 31.76 13.28 2.85
CA ILE C 231 31.41 13.41 4.27
C ILE C 231 32.35 12.58 5.15
N HIS C 232 32.50 11.28 4.86
CA HIS C 232 33.23 10.40 5.79
C HIS C 232 34.74 10.33 5.54
N MET C 233 35.19 10.76 4.37
CA MET C 233 36.62 10.99 4.16
C MET C 233 37.11 12.39 4.60
N SER C 234 36.20 13.27 5.01
CA SER C 234 36.63 14.51 5.62
C SER C 234 37.14 14.18 7.03
N THR C 235 37.90 15.10 7.61
CA THR C 235 38.69 14.80 8.79
C THR C 235 38.88 16.07 9.62
N PRO C 236 39.39 15.95 10.90
CA PRO C 236 39.79 17.15 11.62
C PRO C 236 40.86 18.01 10.93
N GLU C 237 41.65 17.45 10.03
CA GLU C 237 42.49 18.32 9.21
C GLU C 237 41.77 19.00 8.01
N VAL C 238 40.70 18.41 7.48
CA VAL C 238 40.26 18.86 6.13
C VAL C 238 38.82 18.62 5.80
N ASP C 239 38.17 19.67 5.32
CA ASP C 239 36.78 19.62 4.92
C ASP C 239 36.80 19.57 3.42
N LEU C 240 36.48 18.38 2.91
CA LEU C 240 36.74 18.12 1.53
C LEU C 240 35.77 18.94 0.72
N PHE C 241 34.67 19.36 1.34
CA PHE C 241 33.68 20.26 0.69
C PHE C 241 34.18 21.63 0.26
N LYS C 242 35.29 22.07 0.84
CA LYS C 242 35.95 23.29 0.42
C LYS C 242 36.62 23.21 -1.00
N TYR C 243 36.76 22.00 -1.57
CA TYR C 243 37.39 21.87 -2.91
C TYR C 243 36.56 21.24 -4.07
N PRO C 244 35.51 21.92 -4.60
CA PRO C 244 34.74 21.35 -5.72
C PRO C 244 35.22 21.90 -7.07
N GLY C 245 34.69 21.47 -8.20
CA GLY C 245 35.21 22.03 -9.47
C GLY C 245 36.63 21.58 -9.84
N GLY C 246 37.09 20.51 -9.17
CA GLY C 246 37.99 19.57 -9.80
C GLY C 246 37.15 18.43 -10.39
N GLY C 247 35.83 18.67 -10.54
CA GLY C 247 34.84 17.71 -11.12
C GLY C 247 33.74 17.24 -10.18
N PHE C 248 33.88 17.47 -8.88
CA PHE C 248 32.83 17.05 -7.95
C PHE C 248 31.47 17.74 -8.16
N LYS C 249 31.50 19.02 -8.49
CA LYS C 249 30.29 19.82 -8.53
C LYS C 249 29.36 19.38 -9.63
N ASP C 250 29.93 19.26 -10.81
CA ASP C 250 29.16 19.02 -12.03
C ASP C 250 28.51 17.64 -12.06
N PHE C 251 29.24 16.65 -11.58
CA PHE C 251 28.77 15.27 -11.49
C PHE C 251 27.75 15.11 -10.36
N THR C 252 27.74 15.95 -9.36
CA THR C 252 26.82 15.63 -8.29
C THR C 252 25.61 16.58 -8.15
N ARG C 253 25.29 17.37 -9.17
CA ARG C 253 24.10 18.23 -9.12
C ARG C 253 22.87 17.38 -8.68
N ILE C 254 22.74 16.17 -9.24
CA ILE C 254 21.52 15.38 -8.99
C ILE C 254 21.48 14.79 -7.56
N ALA C 255 22.56 14.96 -6.84
CA ALA C 255 22.63 14.62 -5.43
C ALA C 255 21.81 15.59 -4.56
N LYS C 256 21.44 16.72 -5.14
CA LYS C 256 20.44 17.61 -4.56
C LYS C 256 18.97 17.24 -4.88
N SER C 257 18.72 16.09 -5.53
CA SER C 257 17.30 15.74 -5.87
C SER C 257 16.51 15.42 -4.57
N ASP C 258 15.22 15.22 -4.72
CA ASP C 258 14.32 15.19 -3.57
C ASP C 258 14.41 13.85 -2.85
N PRO C 259 14.66 13.87 -1.54
CA PRO C 259 14.94 12.62 -0.82
C PRO C 259 13.73 11.68 -0.79
N ILE C 260 12.54 12.24 -0.62
CA ILE C 260 11.30 11.42 -0.61
C ILE C 260 11.08 10.72 -2.00
N MET C 261 11.18 11.51 -3.06
CA MET C 261 11.05 11.08 -4.39
C MET C 261 12.05 9.94 -4.66
N TRP C 262 13.30 10.11 -4.21
CA TRP C 262 14.35 9.14 -4.49
C TRP C 262 14.28 7.88 -3.64
N ARG C 263 13.80 8.05 -2.43
CA ARG C 263 13.53 6.92 -1.54
C ARG C 263 12.44 6.02 -2.16
N ASP C 264 11.35 6.64 -2.60
CA ASP C 264 10.33 5.88 -3.25
C ASP C 264 10.84 5.14 -4.48
N ILE C 265 11.64 5.80 -5.31
CA ILE C 265 12.19 5.20 -6.51
C ILE C 265 13.06 3.96 -6.24
N PHE C 266 13.94 4.08 -5.26
CA PHE C 266 14.95 3.07 -5.00
C PHE C 266 14.26 1.85 -4.44
N LEU C 267 13.22 2.07 -3.62
CA LEU C 267 12.43 1.00 -3.04
C LEU C 267 11.43 0.38 -4.02
N GLU C 268 10.67 1.21 -4.71
CA GLU C 268 9.72 0.70 -5.70
C GLU C 268 10.45 -0.06 -6.84
N ASN C 269 11.60 0.46 -7.33
CA ASN C 269 12.39 -0.24 -8.36
C ASN C 269 13.59 -1.09 -7.83
N LYS C 270 13.49 -1.58 -6.61
CA LYS C 270 14.66 -2.15 -5.91
C LYS C 270 15.41 -3.27 -6.63
N GLU C 271 14.66 -4.24 -7.17
CA GLU C 271 15.30 -5.39 -7.85
C GLU C 271 16.15 -4.93 -9.03
N ASN C 272 15.65 -4.02 -9.86
CA ASN C 272 16.44 -3.48 -10.98
C ASN C 272 17.60 -2.58 -10.54
N VAL C 273 17.34 -1.74 -9.52
CA VAL C 273 18.34 -0.85 -8.98
C VAL C 273 19.54 -1.61 -8.44
N MET C 274 19.28 -2.75 -7.79
CA MET C 274 20.34 -3.55 -7.19
C MET C 274 21.16 -4.25 -8.29
N LYS C 275 20.47 -4.75 -9.32
CA LYS C 275 21.14 -5.22 -10.53
C LYS C 275 21.98 -4.21 -11.24
N ALA C 276 21.48 -2.96 -11.34
CA ALA C 276 22.21 -1.87 -11.98
C ALA C 276 23.47 -1.53 -11.19
N ILE C 277 23.37 -1.49 -9.87
CA ILE C 277 24.53 -1.26 -8.99
C ILE C 277 25.57 -2.42 -9.08
N GLU C 278 25.11 -3.67 -9.12
CA GLU C 278 26.02 -4.80 -9.37
C GLU C 278 26.80 -4.63 -10.67
N GLY C 279 26.09 -4.32 -11.75
CA GLY C 279 26.76 -4.10 -13.02
C GLY C 279 27.81 -2.99 -12.94
N PHE C 280 27.43 -1.86 -12.31
CA PHE C 280 28.35 -0.72 -12.07
C PHE C 280 29.59 -1.11 -11.28
N GLU C 281 29.41 -1.84 -10.18
CA GLU C 281 30.52 -2.32 -9.41
C GLU C 281 31.43 -3.27 -10.21
N LYS C 282 30.86 -3.96 -11.21
CA LYS C 282 31.67 -4.77 -12.13
C LYS C 282 32.55 -3.84 -12.97
N SER C 283 31.98 -2.75 -13.47
CA SER C 283 32.79 -1.75 -14.19
C SER C 283 33.87 -1.10 -13.29
N LEU C 284 33.48 -0.74 -12.08
CA LEU C 284 34.40 -0.15 -11.10
C LEU C 284 35.51 -1.10 -10.75
N ASN C 285 35.16 -2.36 -10.56
CA ASN C 285 36.17 -3.39 -10.29
C ASN C 285 37.16 -3.60 -11.40
N HIS C 286 36.71 -3.54 -12.63
CA HIS C 286 37.61 -3.68 -13.77
C HIS C 286 38.60 -2.50 -13.85
N LEU C 287 38.12 -1.28 -13.60
CA LEU C 287 38.99 -0.09 -13.57
C LEU C 287 39.99 -0.23 -12.41
N LYS C 288 39.50 -0.64 -11.24
CA LYS C 288 40.38 -0.88 -10.09
C LYS C 288 41.52 -1.88 -10.42
N GLU C 289 41.19 -2.99 -11.10
CA GLU C 289 42.21 -3.98 -11.48
C GLU C 289 43.25 -3.33 -12.39
N LEU C 290 42.81 -2.55 -13.36
CA LEU C 290 43.76 -1.89 -14.29
C LEU C 290 44.68 -0.91 -13.59
N ILE C 291 44.21 -0.31 -12.48
CA ILE C 291 45.02 0.66 -11.77
C ILE C 291 45.98 -0.06 -10.83
N VAL C 292 45.47 -0.97 -10.01
CA VAL C 292 46.34 -1.63 -9.03
C VAL C 292 47.59 -2.15 -9.70
N ARG C 293 47.42 -2.82 -10.85
CA ARG C 293 48.53 -3.41 -11.60
C ARG C 293 49.19 -2.50 -12.64
N GLU C 294 48.73 -1.25 -12.72
CA GLU C 294 49.36 -0.26 -13.58
C GLU C 294 49.41 -0.63 -15.07
N ALA C 295 48.34 -1.22 -15.61
CA ALA C 295 48.33 -1.65 -17.03
C ALA C 295 48.21 -0.46 -17.99
N GLU C 296 49.36 0.16 -18.29
CA GLU C 296 49.42 1.32 -19.19
C GLU C 296 48.32 1.30 -20.23
N GLU C 297 48.26 0.18 -20.94
CA GLU C 297 47.52 0.08 -22.18
C GLU C 297 46.06 -0.28 -22.07
N GLU C 298 45.76 -1.35 -21.34
CA GLU C 298 44.38 -1.65 -21.02
C GLU C 298 43.67 -0.41 -20.46
N LEU C 299 44.39 0.38 -19.65
CA LEU C 299 43.79 1.53 -18.97
C LEU C 299 43.38 2.58 -20.00
N VAL C 300 44.34 3.04 -20.78
CA VAL C 300 44.05 4.05 -21.81
C VAL C 300 42.84 3.67 -22.65
N GLU C 301 42.81 2.43 -23.16
CA GLU C 301 41.71 1.90 -23.97
C GLU C 301 40.38 1.82 -23.22
N TYR C 302 40.46 1.55 -21.92
CA TYR C 302 39.29 1.55 -21.09
C TYR C 302 38.71 2.96 -21.08
N LEU C 303 39.57 3.97 -20.89
CA LEU C 303 39.09 5.36 -20.72
C LEU C 303 38.64 5.92 -22.07
N LYS C 304 39.27 5.44 -23.16
CA LYS C 304 38.78 5.70 -24.54
C LYS C 304 37.37 5.14 -24.78
N GLU C 305 36.85 4.35 -23.85
CA GLU C 305 35.46 3.93 -23.91
C GLU C 305 34.48 5.10 -23.91
N VAL C 306 34.80 6.15 -23.17
CA VAL C 306 33.97 7.34 -23.14
C VAL C 306 33.90 8.11 -24.45
N LYS C 307 34.72 7.74 -25.43
CA LYS C 307 34.72 8.47 -26.68
C LYS C 307 33.78 7.86 -27.73
N ILE C 308 32.52 7.64 -27.38
CA ILE C 308 31.55 7.19 -28.42
C ILE C 308 30.22 8.03 -28.47
N SER D 30 7.23 -8.25 41.65
CA SER D 30 7.67 -8.41 40.24
C SER D 30 6.78 -7.58 39.31
N LEU D 31 5.77 -6.95 39.91
CA LEU D 31 4.69 -6.27 39.19
C LEU D 31 5.20 -5.01 38.50
N SER D 32 5.85 -5.22 37.35
CA SER D 32 6.41 -4.17 36.47
C SER D 32 5.64 -2.86 36.40
N MET D 33 4.35 -2.97 36.10
CA MET D 33 3.41 -1.85 35.91
C MET D 33 2.54 -1.56 37.17
N GLN D 34 2.25 -0.28 37.43
CA GLN D 34 1.43 0.08 38.60
C GLN D 34 0.38 1.18 38.41
N ASN D 35 0.58 2.08 37.44
CA ASN D 35 -0.35 3.21 37.25
C ASN D 35 -1.09 3.24 35.90
N VAL D 36 -2.27 2.65 35.90
CA VAL D 36 -3.01 2.31 34.69
C VAL D 36 -3.97 3.42 34.30
N LEU D 37 -4.13 3.61 32.99
CA LEU D 37 -5.07 4.58 32.45
C LEU D 37 -6.03 3.94 31.47
N ILE D 38 -7.31 3.96 31.82
CA ILE D 38 -8.35 3.55 30.91
C ILE D 38 -8.99 4.76 30.24
N VAL D 39 -8.88 4.77 28.91
CA VAL D 39 -9.40 5.84 28.07
C VAL D 39 -10.65 5.34 27.39
N GLY D 40 -11.76 6.03 27.65
CA GLY D 40 -13.05 5.55 27.22
C GLY D 40 -13.54 4.60 28.31
N VAL D 41 -14.23 5.16 29.31
CA VAL D 41 -14.72 4.38 30.42
C VAL D 41 -16.21 3.97 30.21
N GLY D 42 -16.44 3.25 29.10
CA GLY D 42 -17.70 2.60 28.80
C GLY D 42 -17.60 1.11 29.10
N PHE D 43 -18.34 0.31 28.34
CA PHE D 43 -18.44 -1.13 28.57
C PHE D 43 -17.11 -1.88 28.54
N MET D 44 -16.36 -1.68 27.47
CA MET D 44 -15.09 -2.39 27.22
C MET D 44 -13.95 -1.90 28.11
N GLY D 45 -13.82 -0.58 28.21
CA GLY D 45 -12.92 0.04 29.16
C GLY D 45 -13.12 -0.40 30.60
N GLY D 46 -14.38 -0.36 31.06
CA GLY D 46 -14.73 -0.76 32.40
C GLY D 46 -14.54 -2.25 32.67
N SER D 47 -14.87 -3.07 31.69
CA SER D 47 -14.78 -4.50 31.92
C SER D 47 -13.29 -4.90 31.85
N PHE D 48 -12.51 -4.20 31.00
CA PHE D 48 -11.05 -4.35 31.07
C PHE D 48 -10.49 -3.94 32.44
N ALA D 49 -10.86 -2.75 32.89
CA ALA D 49 -10.54 -2.28 34.24
C ALA D 49 -10.85 -3.32 35.30
N LYS D 50 -12.12 -3.73 35.40
CA LYS D 50 -12.62 -4.69 36.40
C LYS D 50 -11.94 -6.06 36.34
N SER D 51 -11.78 -6.58 35.12
CA SER D 51 -11.08 -7.85 34.91
C SER D 51 -9.66 -7.74 35.44
N LEU D 52 -9.06 -6.56 35.23
CA LEU D 52 -7.69 -6.24 35.69
C LEU D 52 -7.62 -6.32 37.21
N ARG D 53 -8.46 -5.55 37.88
CA ARG D 53 -8.54 -5.55 39.34
C ARG D 53 -8.91 -6.94 39.89
N ARG D 54 -9.75 -7.68 39.15
CA ARG D 54 -10.12 -9.06 39.46
C ARG D 54 -8.93 -10.03 39.33
N SER D 55 -8.09 -9.83 38.31
CA SER D 55 -6.94 -10.72 38.05
C SER D 55 -5.85 -10.67 39.13
N GLY D 56 -5.93 -9.68 40.03
CA GLY D 56 -5.01 -9.57 41.15
C GLY D 56 -3.89 -8.60 40.84
N PHE D 57 -4.28 -7.37 40.51
CA PHE D 57 -3.38 -6.26 40.28
C PHE D 57 -3.88 -5.14 41.19
N LYS D 58 -3.06 -4.72 42.14
CA LYS D 58 -3.46 -3.62 43.04
C LYS D 58 -2.62 -2.35 42.83
N GLY D 59 -2.37 -2.04 41.57
CA GLY D 59 -1.85 -0.74 41.20
C GLY D 59 -3.03 0.19 40.98
N LYS D 60 -2.78 1.49 40.98
CA LYS D 60 -3.87 2.42 40.74
C LYS D 60 -4.45 2.33 39.31
N ILE D 61 -5.69 2.76 39.17
CA ILE D 61 -6.39 2.71 37.88
C ILE D 61 -7.07 4.06 37.65
N TYR D 62 -6.55 4.81 36.69
CA TYR D 62 -7.10 6.12 36.38
C TYR D 62 -8.04 6.08 35.17
N GLY D 63 -8.96 7.03 35.12
CA GLY D 63 -9.90 7.13 34.00
C GLY D 63 -9.88 8.47 33.29
N TYR D 64 -9.71 8.45 31.97
CA TYR D 64 -10.06 9.62 31.16
C TYR D 64 -11.29 9.36 30.26
N ASP D 65 -12.28 10.24 30.36
CA ASP D 65 -13.47 10.21 29.51
C ASP D 65 -13.91 11.64 29.24
N ILE D 66 -14.50 11.91 28.07
CA ILE D 66 -15.14 13.23 27.77
C ILE D 66 -16.47 13.42 28.50
N ASN D 67 -17.04 12.31 28.96
CA ASN D 67 -18.32 12.33 29.67
C ASN D 67 -18.09 12.10 31.16
N PRO D 68 -18.39 13.15 31.95
CA PRO D 68 -18.30 13.15 33.40
C PRO D 68 -19.18 12.08 34.05
N GLU D 69 -20.28 11.73 33.38
CA GLU D 69 -21.20 10.68 33.87
C GLU D 69 -20.45 9.36 33.87
N SER D 70 -19.70 9.14 32.80
CA SER D 70 -18.96 7.93 32.62
C SER D 70 -17.92 7.79 33.73
N ILE D 71 -17.11 8.84 33.90
CA ILE D 71 -16.07 8.88 34.95
C ILE D 71 -16.68 8.71 36.34
N SER D 72 -17.91 9.24 36.47
CA SER D 72 -18.60 9.32 37.74
C SER D 72 -19.44 8.10 38.11
N LYS D 73 -19.93 7.35 37.12
CA LYS D 73 -20.52 6.03 37.44
C LYS D 73 -19.36 5.10 37.81
N ALA D 74 -18.28 5.18 37.04
CA ALA D 74 -17.12 4.31 37.22
C ALA D 74 -16.48 4.44 38.61
N VAL D 75 -16.37 5.67 39.11
CA VAL D 75 -15.83 5.89 40.45
C VAL D 75 -16.74 5.31 41.53
N ASP D 76 -18.03 5.60 41.43
CA ASP D 76 -19.00 5.16 42.43
C ASP D 76 -19.15 3.64 42.47
N LEU D 77 -18.88 3.00 41.33
CA LEU D 77 -18.97 1.55 41.22
C LEU D 77 -17.66 0.82 41.56
N GLY D 78 -16.64 1.59 41.94
CA GLY D 78 -15.36 1.01 42.35
C GLY D 78 -14.65 0.36 41.18
N ILE D 79 -14.94 0.86 39.99
CA ILE D 79 -14.35 0.38 38.76
C ILE D 79 -13.07 1.17 38.50
N ILE D 80 -13.11 2.46 38.78
CA ILE D 80 -11.91 3.28 38.69
C ILE D 80 -11.67 4.03 40.00
N ASP D 81 -10.40 4.35 40.24
CA ASP D 81 -10.02 5.33 41.25
C ASP D 81 -10.41 6.69 40.65
N GLU D 82 -9.50 7.65 40.59
CA GLU D 82 -9.81 8.96 39.99
C GLU D 82 -10.15 8.87 38.49
N GLY D 83 -10.87 9.87 38.01
CA GLY D 83 -11.19 9.98 36.58
C GLY D 83 -11.36 11.45 36.23
N THR D 84 -11.14 11.79 34.97
CA THR D 84 -11.13 13.20 34.55
C THR D 84 -11.84 13.45 33.20
N THR D 85 -12.32 14.68 32.99
CA THR D 85 -12.86 15.12 31.68
C THR D 85 -11.81 15.87 30.85
N SER D 86 -10.67 16.16 31.47
CA SER D 86 -9.62 16.99 30.88
C SER D 86 -8.34 16.20 30.66
N ILE D 87 -7.96 16.11 29.40
CA ILE D 87 -6.80 15.34 28.96
C ILE D 87 -5.46 15.88 29.53
N ALA D 88 -5.47 17.15 29.94
CA ALA D 88 -4.33 17.78 30.65
C ALA D 88 -4.03 17.11 32.01
N LYS D 89 -5.05 17.02 32.87
CA LYS D 89 -4.94 16.41 34.22
C LYS D 89 -4.28 15.02 34.22
N VAL D 90 -4.63 14.19 33.23
CA VAL D 90 -4.06 12.84 33.06
C VAL D 90 -2.56 12.78 33.38
N GLU D 91 -1.83 13.82 32.97
CA GLU D 91 -0.37 13.93 33.18
C GLU D 91 0.03 13.72 34.65
N ASP D 92 -0.73 14.35 35.57
CA ASP D 92 -0.56 14.23 37.02
C ASP D 92 -0.71 12.80 37.55
N PHE D 93 -1.30 11.92 36.74
CA PHE D 93 -1.39 10.51 37.08
C PHE D 93 -0.08 9.81 36.74
N SER D 94 0.69 10.39 35.83
CA SER D 94 1.91 9.77 35.29
C SER D 94 1.66 8.28 34.96
N PRO D 95 0.75 7.99 34.00
CA PRO D 95 0.42 6.58 33.72
C PRO D 95 1.49 5.87 32.89
N ASP D 96 1.58 4.55 33.04
CA ASP D 96 2.60 3.78 32.36
C ASP D 96 2.04 2.71 31.44
N PHE D 97 0.77 2.35 31.65
CA PHE D 97 0.08 1.38 30.81
C PHE D 97 -1.28 1.93 30.44
N VAL D 98 -1.46 2.27 29.16
CA VAL D 98 -2.70 2.90 28.70
C VAL D 98 -3.50 1.96 27.82
N MET D 99 -4.77 1.80 28.14
CA MET D 99 -5.65 0.95 27.36
C MET D 99 -6.72 1.77 26.68
N LEU D 100 -6.61 1.90 25.37
CA LEU D 100 -7.58 2.68 24.59
C LEU D 100 -8.84 1.86 24.39
N SER D 101 -9.94 2.32 24.98
CA SER D 101 -11.25 1.68 24.83
C SER D 101 -12.34 2.73 24.60
N SER D 102 -11.97 3.87 24.02
CA SER D 102 -12.94 4.78 23.42
C SER D 102 -13.23 4.24 21.99
N PRO D 103 -14.12 4.90 21.23
CA PRO D 103 -14.39 4.41 19.85
C PRO D 103 -13.23 4.62 18.93
N VAL D 104 -13.03 3.66 18.01
CA VAL D 104 -11.87 3.71 17.11
C VAL D 104 -11.67 5.10 16.51
N ARG D 105 -12.79 5.73 16.14
CA ARG D 105 -12.83 7.15 15.69
C ARG D 105 -11.82 8.03 16.37
N THR D 106 -11.73 7.91 17.68
CA THR D 106 -11.04 8.91 18.50
C THR D 106 -9.54 8.62 18.75
N PHE D 107 -9.06 7.50 18.21
CA PHE D 107 -7.77 6.91 18.61
C PHE D 107 -6.58 7.80 18.25
N ARG D 108 -6.51 8.16 16.98
CA ARG D 108 -5.46 9.04 16.48
C ARG D 108 -5.32 10.37 17.26
N GLU D 109 -6.38 11.16 17.31
CA GLU D 109 -6.39 12.40 18.08
C GLU D 109 -5.99 12.30 19.59
N ILE D 110 -6.53 11.31 20.30
CA ILE D 110 -6.20 11.03 21.71
C ILE D 110 -4.72 10.70 21.80
N ALA D 111 -4.29 9.80 20.90
CA ALA D 111 -2.92 9.44 20.83
C ALA D 111 -2.05 10.70 20.70
N LYS D 112 -2.53 11.69 19.94
CA LYS D 112 -1.66 12.85 19.72
C LYS D 112 -1.48 13.59 21.03
N LYS D 113 -2.61 13.80 21.72
CA LYS D 113 -2.57 14.49 23.00
C LYS D 113 -1.64 13.69 23.89
N LEU D 114 -1.93 12.40 24.03
CA LEU D 114 -1.07 11.45 24.74
C LEU D 114 0.46 11.50 24.41
N SER D 115 0.81 11.62 23.15
CA SER D 115 2.22 11.61 22.78
C SER D 115 3.05 12.71 23.48
N TYR D 116 2.43 13.87 23.76
CA TYR D 116 3.12 15.01 24.39
C TYR D 116 3.36 14.89 25.90
N ILE D 117 2.56 14.05 26.56
CA ILE D 117 2.63 13.91 28.04
C ILE D 117 3.00 12.54 28.65
N LEU D 118 2.96 11.48 27.86
CA LEU D 118 3.19 10.15 28.42
C LEU D 118 4.68 9.92 28.50
N SER D 119 5.14 9.28 29.58
CA SER D 119 6.55 8.91 29.68
C SER D 119 7.01 8.20 28.43
N GLU D 120 8.27 8.39 28.07
CA GLU D 120 8.85 7.66 26.95
C GLU D 120 8.75 6.13 27.18
N ASP D 121 8.63 5.70 28.43
CA ASP D 121 8.70 4.28 28.80
C ASP D 121 7.34 3.61 28.89
N ALA D 122 6.29 4.41 28.64
CA ALA D 122 4.92 3.98 28.72
C ALA D 122 4.53 3.11 27.55
N THR D 123 3.49 2.31 27.78
CA THR D 123 3.00 1.37 26.79
C THR D 123 1.57 1.75 26.49
N VAL D 124 1.23 1.85 25.20
CA VAL D 124 -0.15 2.17 24.85
C VAL D 124 -0.71 1.04 23.98
N THR D 125 -1.86 0.49 24.34
CA THR D 125 -2.48 -0.54 23.51
C THR D 125 -4.01 -0.31 23.37
N ASP D 126 -4.74 -1.22 22.71
CA ASP D 126 -6.13 -0.90 22.39
C ASP D 126 -7.04 -2.12 22.34
N GLN D 127 -8.35 -1.88 22.21
CA GLN D 127 -9.30 -2.96 22.07
C GLN D 127 -10.13 -2.80 20.80
N GLY D 128 -9.66 -1.97 19.86
CA GLY D 128 -10.46 -1.71 18.66
C GLY D 128 -10.72 -2.94 17.80
N SER D 129 -11.85 -2.95 17.10
CA SER D 129 -12.24 -4.09 16.27
C SER D 129 -11.62 -4.06 14.88
N VAL D 130 -10.83 -3.03 14.59
CA VAL D 130 -10.18 -2.90 13.30
C VAL D 130 -8.74 -2.63 13.63
N LYS D 131 -7.84 -3.09 12.77
CA LYS D 131 -6.42 -2.90 13.00
C LYS D 131 -5.84 -2.26 11.76
N GLY D 132 -5.24 -3.06 10.87
CA GLY D 132 -4.76 -2.52 9.59
C GLY D 132 -4.08 -1.17 9.72
N LYS D 133 -4.52 -0.22 8.90
CA LYS D 133 -3.86 1.09 8.82
C LYS D 133 -3.75 1.78 10.16
N LEU D 134 -4.80 1.66 10.98
CA LEU D 134 -4.77 2.27 12.30
C LEU D 134 -3.51 1.89 13.12
N VAL D 135 -3.14 0.61 13.14
CA VAL D 135 -1.89 0.20 13.83
C VAL D 135 -0.67 1.01 13.36
N TYR D 136 -0.48 1.08 12.06
CA TYR D 136 0.70 1.75 11.53
C TYR D 136 0.67 3.22 11.81
N ASP D 137 -0.51 3.82 11.83
CA ASP D 137 -0.60 5.26 12.12
C ASP D 137 -0.32 5.52 13.60
N LEU D 138 -0.87 4.67 14.47
CA LEU D 138 -0.69 4.87 15.90
C LEU D 138 0.78 4.72 16.26
N GLU D 139 1.49 3.82 15.56
CA GLU D 139 2.95 3.68 15.73
C GLU D 139 3.69 4.94 15.40
N ASN D 140 3.31 5.56 14.29
CA ASN D 140 3.93 6.83 13.88
C ASN D 140 3.64 7.93 14.89
N ILE D 141 2.44 7.95 15.45
CA ILE D 141 2.14 8.95 16.47
C ILE D 141 2.90 8.64 17.77
N LEU D 142 2.77 7.41 18.26
CA LEU D 142 3.21 7.09 19.62
C LEU D 142 4.60 6.44 19.71
N GLY D 143 5.23 6.16 18.57
CA GLY D 143 6.54 5.51 18.56
C GLY D 143 6.49 4.08 19.13
N LYS D 144 7.62 3.64 19.67
CA LYS D 144 7.77 2.35 20.32
C LYS D 144 6.68 1.97 21.31
N ARG D 145 5.93 2.93 21.81
CA ARG D 145 4.92 2.72 22.86
C ARG D 145 3.82 1.81 22.41
N PHE D 146 3.58 1.71 21.10
CA PHE D 146 2.30 1.15 20.68
C PHE D 146 2.24 -0.36 20.31
N VAL D 147 1.17 -1.04 20.73
CA VAL D 147 0.90 -2.45 20.39
C VAL D 147 -0.54 -2.57 20.07
N GLY D 148 -0.88 -2.99 18.86
CA GLY D 148 -2.31 -3.19 18.51
C GLY D 148 -2.91 -4.49 19.02
N GLY D 149 -4.20 -4.40 19.38
CA GLY D 149 -4.89 -5.45 20.06
C GLY D 149 -6.39 -5.43 19.83
N HIS D 150 -6.96 -6.63 19.79
CA HIS D 150 -8.40 -6.78 19.61
C HIS D 150 -8.92 -7.98 20.40
N PRO D 151 -9.62 -7.74 21.53
CA PRO D 151 -10.13 -8.90 22.27
C PRO D 151 -11.51 -9.27 21.68
N ILE D 152 -11.77 -10.55 21.48
CA ILE D 152 -12.93 -10.98 20.74
C ILE D 152 -14.00 -11.32 21.79
N ALA D 153 -14.65 -10.29 22.32
CA ALA D 153 -15.68 -10.41 23.39
C ALA D 153 -16.97 -11.08 22.91
N GLY D 154 -17.32 -10.78 21.67
CA GLY D 154 -18.52 -11.37 21.05
C GLY D 154 -19.84 -10.72 21.36
N THR D 155 -19.90 -9.71 22.25
CA THR D 155 -21.23 -9.15 22.64
C THR D 155 -21.28 -7.63 22.81
N GLU D 156 -22.35 -7.03 22.29
CA GLU D 156 -22.45 -5.58 22.21
C GLU D 156 -23.27 -4.99 23.35
N LYS D 157 -22.60 -4.18 24.16
CA LYS D 157 -23.22 -3.44 25.25
C LYS D 157 -22.64 -2.02 25.26
N SER D 158 -23.32 -1.09 25.92
CA SER D 158 -22.89 0.32 25.95
C SER D 158 -23.17 0.89 27.34
N GLY D 159 -22.17 1.57 27.88
CA GLY D 159 -22.21 2.06 29.26
C GLY D 159 -21.34 1.20 30.16
N VAL D 160 -20.57 1.87 31.03
CA VAL D 160 -19.81 1.22 32.11
C VAL D 160 -20.61 0.29 33.06
N GLU D 161 -21.89 0.62 33.32
CA GLU D 161 -22.72 -0.15 34.25
C GLU D 161 -22.86 -1.60 33.82
N TYR D 162 -22.63 -1.86 32.51
CA TYR D 162 -22.84 -3.19 31.97
C TYR D 162 -21.51 -3.98 31.96
N SER D 163 -20.40 -3.32 32.31
CA SER D 163 -19.09 -3.99 32.34
C SER D 163 -19.07 -5.29 33.18
N LEU D 164 -18.24 -6.27 32.78
CA LEU D 164 -18.17 -7.57 33.47
C LEU D 164 -16.73 -7.89 33.87
N ASP D 165 -16.56 -8.51 35.03
CA ASP D 165 -15.16 -8.79 35.41
C ASP D 165 -14.61 -10.08 34.82
N ASN D 166 -15.43 -10.79 34.01
CA ASN D 166 -15.00 -12.09 33.45
C ASN D 166 -15.23 -12.12 31.94
N LEU D 167 -15.46 -10.90 31.41
CA LEU D 167 -15.72 -10.70 30.00
C LEU D 167 -14.75 -11.50 29.08
N TYR D 168 -13.45 -11.51 29.38
CA TYR D 168 -12.52 -12.01 28.41
C TYR D 168 -12.15 -13.47 28.61
N GLU D 169 -12.78 -14.14 29.60
CA GLU D 169 -12.29 -15.43 30.05
C GLU D 169 -12.55 -16.50 29.00
N GLY D 170 -11.46 -17.09 28.50
CA GLY D 170 -11.57 -18.18 27.55
C GLY D 170 -11.71 -17.63 26.14
N LYS D 171 -11.62 -16.30 26.01
CA LYS D 171 -11.83 -15.68 24.71
C LYS D 171 -10.51 -15.36 24.03
N LYS D 172 -10.46 -15.53 22.71
CA LYS D 172 -9.29 -15.09 21.95
C LYS D 172 -9.07 -13.60 21.99
N VAL D 173 -7.79 -13.24 21.91
CA VAL D 173 -7.37 -11.86 21.81
C VAL D 173 -6.29 -11.85 20.73
N ILE D 174 -6.51 -11.09 19.68
CA ILE D 174 -5.54 -10.91 18.62
C ILE D 174 -4.65 -9.69 18.87
N LEU D 175 -3.32 -9.90 18.90
CA LEU D 175 -2.37 -8.81 18.85
C LEU D 175 -1.75 -8.75 17.44
N THR D 176 -1.43 -7.54 17.00
CA THR D 176 -0.95 -7.34 15.66
C THR D 176 0.45 -6.71 15.67
N PRO D 177 1.49 -7.48 16.04
CA PRO D 177 2.82 -6.89 15.99
C PRO D 177 3.27 -6.65 14.53
N THR D 178 4.20 -5.71 14.37
CA THR D 178 4.81 -5.38 13.10
C THR D 178 6.33 -5.34 13.32
N LYS D 179 7.08 -5.03 12.27
CA LYS D 179 8.53 -5.00 12.39
C LYS D 179 8.98 -3.93 13.39
N LYS D 180 8.13 -2.91 13.62
CA LYS D 180 8.51 -1.79 14.47
C LYS D 180 8.14 -2.04 15.94
N THR D 181 7.39 -3.11 16.21
CA THR D 181 6.88 -3.36 17.57
C THR D 181 8.00 -3.65 18.58
N ASP D 182 7.86 -3.10 19.79
CA ASP D 182 8.80 -3.32 20.88
C ASP D 182 8.46 -4.68 21.49
N LYS D 183 9.43 -5.59 21.44
CA LYS D 183 9.27 -6.97 21.95
C LYS D 183 8.89 -7.02 23.41
N LYS D 184 9.36 -6.09 24.21
CA LYS D 184 9.06 -6.07 25.62
C LYS D 184 7.67 -5.48 25.91
N ARG D 185 7.19 -4.58 25.05
CA ARG D 185 5.83 -4.13 25.21
C ARG D 185 4.87 -5.23 24.68
N LEU D 186 5.28 -5.92 23.61
CA LEU D 186 4.41 -6.96 23.08
C LEU D 186 4.17 -8.01 24.11
N LYS D 187 5.18 -8.30 24.90
CA LYS D 187 5.05 -9.34 25.92
C LYS D 187 4.29 -8.86 27.13
N LEU D 188 4.45 -7.61 27.49
CA LEU D 188 3.62 -7.06 28.53
C LEU D 188 2.13 -7.12 28.13
N VAL D 189 1.76 -6.56 26.97
CA VAL D 189 0.37 -6.64 26.51
C VAL D 189 -0.10 -8.11 26.49
N LYS D 190 0.71 -9.02 25.95
CA LYS D 190 0.32 -10.43 25.92
C LYS D 190 -0.05 -10.98 27.32
N ARG D 191 0.87 -10.79 28.27
CA ARG D 191 0.73 -11.32 29.62
C ARG D 191 -0.53 -10.79 30.31
N VAL D 192 -0.76 -9.47 30.20
CA VAL D 192 -1.90 -8.83 30.84
C VAL D 192 -3.20 -9.48 30.40
N TRP D 193 -3.35 -9.62 29.08
CA TRP D 193 -4.54 -10.26 28.54
C TRP D 193 -4.67 -11.71 29.06
N GLU D 194 -3.54 -12.36 29.31
CA GLU D 194 -3.55 -13.73 29.82
C GLU D 194 -3.92 -13.78 31.27
N ASP D 195 -3.54 -12.75 32.01
CA ASP D 195 -3.97 -12.63 33.38
C ASP D 195 -5.49 -12.48 33.48
N VAL D 196 -6.09 -11.74 32.55
CA VAL D 196 -7.55 -11.60 32.46
C VAL D 196 -8.21 -12.83 31.84
N GLY D 197 -7.39 -13.82 31.45
CA GLY D 197 -7.92 -15.10 31.01
C GLY D 197 -8.18 -15.19 29.53
N GLY D 198 -7.64 -14.24 28.80
CA GLY D 198 -7.60 -14.22 27.32
C GLY D 198 -6.55 -15.18 26.72
N VAL D 199 -6.84 -15.69 25.51
CA VAL D 199 -5.96 -16.62 24.80
C VAL D 199 -5.39 -15.88 23.59
N VAL D 200 -4.15 -15.44 23.74
CA VAL D 200 -3.50 -14.51 22.84
C VAL D 200 -2.94 -15.19 21.62
N GLU D 201 -3.15 -14.59 20.45
CA GLU D 201 -2.42 -14.98 19.24
C GLU D 201 -2.01 -13.78 18.47
N TYR D 202 -1.14 -13.97 17.48
CA TYR D 202 -0.61 -12.90 16.66
C TYR D 202 -1.12 -12.93 15.22
N MET D 203 -1.40 -11.75 14.66
CA MET D 203 -1.75 -11.63 13.23
C MET D 203 -1.13 -10.36 12.75
N SER D 204 -0.82 -10.26 11.47
CA SER D 204 -0.44 -8.92 10.99
C SER D 204 -1.67 -8.00 11.00
N PRO D 205 -1.44 -6.70 11.02
CA PRO D 205 -2.58 -5.83 10.98
C PRO D 205 -3.47 -6.07 9.75
N GLU D 206 -2.86 -6.31 8.59
CA GLU D 206 -3.58 -6.64 7.34
C GLU D 206 -4.43 -7.92 7.49
N LEU D 207 -3.81 -9.00 7.95
CA LEU D 207 -4.52 -10.27 8.06
C LEU D 207 -5.69 -10.17 9.02
N HIS D 208 -5.45 -9.53 10.16
CA HIS D 208 -6.52 -9.23 11.10
C HIS D 208 -7.77 -8.63 10.41
N ASP D 209 -7.57 -7.57 9.63
CA ASP D 209 -8.70 -6.89 8.98
C ASP D 209 -9.29 -7.73 7.86
N TYR D 210 -8.51 -8.62 7.25
CA TYR D 210 -9.15 -9.62 6.38
C TYR D 210 -10.02 -10.62 7.14
N VAL D 211 -9.46 -11.37 8.10
CA VAL D 211 -10.27 -12.38 8.82
C VAL D 211 -11.56 -11.78 9.40
N PHE D 212 -11.48 -10.58 9.97
CA PHE D 212 -12.61 -9.99 10.67
C PHE D 212 -13.53 -9.22 9.79
N GLY D 213 -13.02 -8.77 8.66
CA GLY D 213 -13.86 -8.38 7.55
C GLY D 213 -14.85 -9.47 7.17
N VAL D 214 -14.36 -10.70 7.07
CA VAL D 214 -15.20 -11.78 6.68
C VAL D 214 -16.02 -12.35 7.84
N VAL D 215 -15.39 -12.60 8.99
CA VAL D 215 -16.03 -13.51 9.98
C VAL D 215 -16.93 -12.66 10.88
N SER D 216 -16.79 -11.36 10.78
CA SER D 216 -17.46 -10.50 11.73
C SER D 216 -18.19 -9.39 11.00
N HIS D 217 -17.47 -8.64 10.18
CA HIS D 217 -18.06 -7.45 9.59
C HIS D 217 -19.13 -7.80 8.53
N LEU D 218 -18.85 -8.83 7.73
CA LEU D 218 -19.77 -9.25 6.68
C LEU D 218 -21.11 -9.80 7.23
N PRO D 219 -21.04 -10.74 8.22
CA PRO D 219 -22.26 -11.18 8.89
C PRO D 219 -23.13 -9.99 9.33
N HIS D 220 -22.54 -8.97 9.93
CA HIS D 220 -23.30 -7.81 10.41
C HIS D 220 -23.89 -7.06 9.25
N ALA D 221 -23.10 -6.80 8.21
CA ALA D 221 -23.58 -6.14 6.98
C ALA D 221 -24.84 -6.81 6.36
N VAL D 222 -24.81 -8.13 6.28
CA VAL D 222 -25.86 -8.96 5.72
C VAL D 222 -27.12 -8.80 6.58
N ALA D 223 -26.94 -8.66 7.89
CA ALA D 223 -28.09 -8.55 8.79
C ALA D 223 -28.74 -7.16 8.68
N PHE D 224 -27.92 -6.13 8.61
CA PHE D 224 -28.38 -4.79 8.33
C PHE D 224 -29.15 -4.74 7.05
N ALA D 225 -28.63 -5.42 6.02
CA ALA D 225 -29.27 -5.41 4.69
C ALA D 225 -30.57 -6.23 4.72
N LEU D 226 -30.59 -7.30 5.52
CA LEU D 226 -31.83 -8.05 5.74
C LEU D 226 -32.94 -7.15 6.37
N VAL D 227 -32.61 -6.40 7.40
CA VAL D 227 -33.60 -5.58 8.02
C VAL D 227 -34.08 -4.55 6.95
N ASP D 228 -33.16 -3.96 6.21
CA ASP D 228 -33.55 -3.09 5.12
C ASP D 228 -34.54 -3.78 4.16
N THR D 229 -34.30 -5.08 3.92
CA THR D 229 -35.04 -5.76 2.86
C THR D 229 -36.45 -5.93 3.28
N LEU D 230 -36.62 -6.35 4.54
CA LEU D 230 -37.96 -6.54 5.07
C LEU D 230 -38.82 -5.24 5.14
N ILE D 231 -38.14 -4.11 5.34
CA ILE D 231 -38.80 -2.81 5.18
C ILE D 231 -39.26 -2.54 3.74
N HIS D 232 -38.41 -2.75 2.71
CA HIS D 232 -38.94 -2.32 1.39
C HIS D 232 -39.81 -3.41 0.73
N MET D 233 -39.75 -4.64 1.24
CA MET D 233 -40.55 -5.68 0.63
C MET D 233 -41.89 -5.87 1.40
N SER D 234 -42.00 -5.22 2.56
CA SER D 234 -43.35 -5.14 3.19
C SER D 234 -44.29 -4.38 2.29
N THR D 235 -45.58 -4.52 2.55
CA THR D 235 -46.57 -3.72 1.85
C THR D 235 -47.62 -3.18 2.83
N PRO D 236 -48.58 -2.29 2.38
CA PRO D 236 -49.47 -1.71 3.39
C PRO D 236 -50.28 -2.77 4.09
N GLU D 237 -50.75 -3.76 3.33
CA GLU D 237 -51.55 -4.88 3.85
C GLU D 237 -50.67 -6.01 4.44
N VAL D 238 -49.35 -5.92 4.33
CA VAL D 238 -48.53 -6.95 4.99
C VAL D 238 -47.20 -6.46 5.56
N ASP D 239 -47.15 -6.47 6.88
CA ASP D 239 -45.93 -6.12 7.58
C ASP D 239 -45.08 -7.36 7.79
N LEU D 240 -43.93 -7.49 7.10
CA LEU D 240 -43.15 -8.74 7.18
C LEU D 240 -42.55 -8.90 8.56
N PHE D 241 -42.35 -7.81 9.30
CA PHE D 241 -41.85 -8.00 10.69
C PHE D 241 -42.74 -8.79 11.68
N LYS D 242 -43.99 -9.06 11.30
CA LYS D 242 -44.88 -9.84 12.13
C LYS D 242 -44.52 -11.32 12.14
N TYR D 243 -43.59 -11.76 11.26
CA TYR D 243 -43.37 -13.23 11.14
C TYR D 243 -41.90 -13.63 11.31
N PRO D 244 -41.34 -13.53 12.54
CA PRO D 244 -39.90 -13.78 12.68
C PRO D 244 -39.67 -15.30 13.03
N GLY D 245 -40.75 -16.08 13.25
CA GLY D 245 -40.57 -17.48 13.73
C GLY D 245 -40.01 -18.45 12.64
N GLY D 246 -39.70 -17.92 11.46
CA GLY D 246 -39.38 -18.81 10.32
C GLY D 246 -37.96 -18.62 9.91
N GLY D 247 -37.13 -18.05 10.78
CA GLY D 247 -35.70 -17.89 10.43
C GLY D 247 -35.15 -16.50 10.66
N PHE D 248 -36.02 -15.48 10.67
CA PHE D 248 -35.55 -14.11 10.83
C PHE D 248 -35.16 -13.77 12.30
N LYS D 249 -35.74 -14.46 13.27
CA LYS D 249 -35.58 -14.10 14.69
C LYS D 249 -34.12 -13.86 15.08
N ASP D 250 -33.19 -14.77 14.68
CA ASP D 250 -31.79 -14.63 15.08
C ASP D 250 -31.12 -13.35 14.51
N PHE D 251 -31.45 -12.99 13.27
CA PHE D 251 -30.95 -11.72 12.70
C PHE D 251 -31.40 -10.43 13.47
N THR D 252 -32.53 -10.52 14.17
CA THR D 252 -33.13 -9.35 14.87
C THR D 252 -32.20 -8.91 16.02
N ARG D 253 -31.29 -9.78 16.42
CA ARG D 253 -30.24 -9.48 17.38
C ARG D 253 -29.42 -8.27 16.97
N ILE D 254 -29.37 -8.02 15.66
CA ILE D 254 -28.71 -6.83 15.08
C ILE D 254 -29.36 -5.53 15.62
N ALA D 255 -30.54 -5.65 16.20
CA ALA D 255 -31.22 -4.53 16.86
C ALA D 255 -30.42 -3.95 18.00
N LYS D 256 -29.51 -4.73 18.57
CA LYS D 256 -28.74 -4.32 19.76
C LYS D 256 -27.37 -3.74 19.35
N SER D 257 -27.04 -3.83 18.05
CA SER D 257 -25.83 -3.27 17.50
C SER D 257 -25.90 -1.75 17.46
N ASP D 258 -24.72 -1.14 17.67
CA ASP D 258 -24.58 0.32 17.73
C ASP D 258 -24.33 0.85 16.33
N PRO D 259 -25.29 1.65 15.80
CA PRO D 259 -25.16 2.17 14.45
C PRO D 259 -23.93 3.02 14.26
N ILE D 260 -23.61 3.88 15.21
CA ILE D 260 -22.45 4.77 15.08
C ILE D 260 -21.15 3.92 15.02
N MET D 261 -21.01 2.96 15.92
CA MET D 261 -19.82 2.08 15.91
C MET D 261 -19.64 1.29 14.58
N TRP D 262 -20.73 0.78 13.99
CA TRP D 262 -20.66 0.02 12.73
C TRP D 262 -20.42 0.87 11.48
N ARG D 263 -21.02 2.06 11.42
CA ARG D 263 -20.61 3.01 10.40
C ARG D 263 -19.10 3.11 10.41
N ASP D 264 -18.53 3.27 11.59
CA ASP D 264 -17.08 3.48 11.71
C ASP D 264 -16.25 2.28 11.23
N ILE D 265 -16.63 1.08 11.66
CA ILE D 265 -15.96 -0.15 11.24
C ILE D 265 -16.05 -0.34 9.71
N PHE D 266 -17.25 -0.26 9.15
CA PHE D 266 -17.43 -0.45 7.70
C PHE D 266 -16.56 0.50 6.89
N LEU D 267 -16.44 1.76 7.31
CA LEU D 267 -15.64 2.70 6.55
C LEU D 267 -14.12 2.51 6.73
N GLU D 268 -13.68 2.27 7.95
CA GLU D 268 -12.24 1.97 8.21
C GLU D 268 -11.77 0.67 7.55
N ASN D 269 -12.66 -0.32 7.49
CA ASN D 269 -12.25 -1.59 6.93
C ASN D 269 -12.79 -1.79 5.53
N LYS D 270 -12.94 -0.69 4.81
CA LYS D 270 -13.76 -0.68 3.60
C LYS D 270 -13.33 -1.74 2.60
N GLU D 271 -12.02 -1.83 2.34
CA GLU D 271 -11.52 -2.72 1.31
C GLU D 271 -11.82 -4.18 1.65
N ASN D 272 -11.55 -4.58 2.88
CA ASN D 272 -11.83 -5.96 3.26
C ASN D 272 -13.32 -6.17 3.34
N VAL D 273 -14.05 -5.17 3.81
CA VAL D 273 -15.50 -5.32 3.87
C VAL D 273 -16.07 -5.52 2.44
N MET D 274 -15.53 -4.82 1.47
CA MET D 274 -15.89 -5.01 0.07
C MET D 274 -15.47 -6.39 -0.45
N LYS D 275 -14.21 -6.77 -0.32
CA LYS D 275 -13.82 -8.19 -0.51
C LYS D 275 -14.78 -9.24 0.07
N ALA D 276 -15.06 -9.14 1.35
CA ALA D 276 -15.97 -10.06 2.01
C ALA D 276 -17.35 -10.05 1.35
N ILE D 277 -17.86 -8.86 1.01
CA ILE D 277 -19.20 -8.80 0.41
C ILE D 277 -19.16 -9.44 -0.97
N GLU D 278 -18.09 -9.21 -1.71
CA GLU D 278 -18.03 -9.80 -3.04
C GLU D 278 -17.98 -11.34 -2.97
N GLY D 279 -17.28 -11.87 -1.97
CA GLY D 279 -17.21 -13.31 -1.77
C GLY D 279 -18.56 -13.83 -1.31
N PHE D 280 -19.26 -13.04 -0.50
CA PHE D 280 -20.63 -13.38 -0.14
C PHE D 280 -21.49 -13.46 -1.39
N GLU D 281 -21.28 -12.51 -2.29
CA GLU D 281 -22.06 -12.48 -3.56
C GLU D 281 -21.79 -13.69 -4.50
N LYS D 282 -20.55 -14.18 -4.50
CA LYS D 282 -20.20 -15.41 -5.21
C LYS D 282 -20.94 -16.62 -4.59
N SER D 283 -20.89 -16.74 -3.27
CA SER D 283 -21.63 -17.82 -2.62
C SER D 283 -23.12 -17.80 -2.90
N LEU D 284 -23.70 -16.60 -2.91
CA LEU D 284 -25.13 -16.43 -3.10
C LEU D 284 -25.47 -16.72 -4.54
N ASN D 285 -24.68 -16.17 -5.46
CA ASN D 285 -24.77 -16.46 -6.91
C ASN D 285 -24.74 -17.95 -7.23
N HIS D 286 -23.80 -18.68 -6.62
CA HIS D 286 -23.75 -20.14 -6.72
C HIS D 286 -25.07 -20.77 -6.28
N LEU D 287 -25.53 -20.41 -5.09
CA LEU D 287 -26.81 -20.91 -4.56
C LEU D 287 -27.96 -20.60 -5.52
N LYS D 288 -28.03 -19.37 -5.98
CA LYS D 288 -29.02 -18.93 -6.97
C LYS D 288 -28.97 -19.81 -8.25
N GLU D 289 -27.78 -19.91 -8.84
CA GLU D 289 -27.56 -20.71 -10.05
C GLU D 289 -28.14 -22.13 -9.89
N LEU D 290 -27.82 -22.74 -8.76
CA LEU D 290 -28.33 -24.07 -8.42
C LEU D 290 -29.85 -24.13 -8.39
N ILE D 291 -30.48 -23.09 -7.85
CA ILE D 291 -31.90 -23.05 -7.83
C ILE D 291 -32.49 -22.91 -9.23
N VAL D 292 -31.93 -22.04 -10.04
CA VAL D 292 -32.49 -21.67 -11.33
C VAL D 292 -32.47 -22.90 -12.20
N ARG D 293 -31.31 -23.54 -12.27
CA ARG D 293 -31.11 -24.79 -13.01
C ARG D 293 -31.90 -25.94 -12.40
N GLU D 294 -32.54 -25.71 -11.25
CA GLU D 294 -33.18 -26.75 -10.47
C GLU D 294 -32.29 -28.00 -10.43
N ALA D 295 -31.05 -27.80 -9.98
CA ALA D 295 -30.04 -28.84 -9.85
C ALA D 295 -30.25 -29.62 -8.55
N GLU D 296 -31.23 -30.53 -8.56
CA GLU D 296 -31.74 -31.19 -7.36
C GLU D 296 -30.66 -31.73 -6.43
N GLU D 297 -29.72 -32.50 -7.00
CA GLU D 297 -28.64 -33.17 -6.27
C GLU D 297 -27.47 -32.26 -5.91
N GLU D 298 -27.05 -31.38 -6.82
CA GLU D 298 -26.03 -30.38 -6.47
C GLU D 298 -26.46 -29.59 -5.23
N LEU D 299 -27.70 -29.09 -5.26
CA LEU D 299 -28.21 -28.24 -4.19
C LEU D 299 -28.13 -28.92 -2.80
N VAL D 300 -28.67 -30.12 -2.70
CA VAL D 300 -28.56 -30.87 -1.46
C VAL D 300 -27.07 -30.96 -1.00
N GLU D 301 -26.20 -31.34 -1.90
CA GLU D 301 -24.80 -31.38 -1.53
C GLU D 301 -24.17 -30.05 -1.09
N TYR D 302 -24.52 -28.96 -1.76
CA TYR D 302 -24.00 -27.64 -1.40
C TYR D 302 -24.49 -27.32 0.02
N LEU D 303 -25.77 -27.60 0.28
CA LEU D 303 -26.39 -27.36 1.57
C LEU D 303 -25.80 -28.28 2.67
N LYS D 304 -25.55 -29.53 2.35
CA LYS D 304 -24.94 -30.43 3.32
C LYS D 304 -23.50 -30.05 3.76
N GLU D 305 -22.68 -29.60 2.83
CA GLU D 305 -21.30 -29.19 3.17
C GLU D 305 -21.31 -27.98 4.15
N VAL D 306 -22.28 -27.10 3.93
CA VAL D 306 -22.39 -25.89 4.72
C VAL D 306 -22.80 -26.25 6.13
N LYS D 307 -23.81 -27.10 6.21
CA LYS D 307 -24.24 -27.66 7.48
C LYS D 307 -23.10 -28.32 8.31
N ILE D 308 -22.34 -29.23 7.69
CA ILE D 308 -21.25 -29.93 8.37
C ILE D 308 -20.25 -28.90 8.89
N LYS D 309 -20.05 -27.87 8.08
CA LYS D 309 -18.95 -26.98 8.31
C LYS D 309 -19.39 -26.05 9.46
N ARG D 310 -20.68 -25.69 9.44
CA ARG D 310 -21.29 -24.96 10.54
C ARG D 310 -21.43 -25.76 11.89
N MET D 311 -21.71 -27.07 11.83
CA MET D 311 -21.82 -27.89 13.07
C MET D 311 -20.46 -28.03 13.77
#